data_9SGH
#
_entry.id   9SGH
#
_cell.length_a   117.562
_cell.length_b   148.492
_cell.length_c   92.755
_cell.angle_alpha   90.00
_cell.angle_beta   90.00
_cell.angle_gamma   90.00
#
_symmetry.space_group_name_H-M   'P 21 21 2'
#
loop_
_entity.id
_entity.type
_entity.pdbx_description
1 polymer 'Bimekizumab Fab heavy-chain'
2 polymer 'Bimekizumab Fab light-chain'
3 polymer Interleukin-17A
4 non-polymer 'ZINC ION'
5 non-polymer 'PHOSPHATE ION'
6 water water
#
loop_
_entity_poly.entity_id
_entity_poly.type
_entity_poly.pdbx_seq_one_letter_code
_entity_poly.pdbx_strand_id
1 'polypeptide(L)'
;EVQLVESGGGLVQPGGSLRLSCAASGFTFSDYNMAWVRQAPGKGLEWVATITYEGRNTYYRDSVKGRFTISRDNAKNSLY
LQMNSLRAEDTAVYYCASPPQYYEGSIYRLWFAHWGQGTLVTVSSASTKGPSVFPLAPSSKSTSGGTAALGCLVKDYFPE
PVTVSWNSGALTSGVHTFPAVLQSSGLYSLSSVVTVPSSSLGTQTYICNVNHKPSNTKVDKKVEPKSCDKTH
;
A,H
2 'polypeptide(L)'
;AIQLTQSPSSLSASVGDRVTITCRADESVRTLMHWYQQKPGKAPKLLIYLVSNSEIGVPDRFSGSGSGTDFRLTISSLQP
EDFATYYCQQTWSDPWTFGQGTKVEIKRTVAAPSVFIFPPSDEQLKSGTASVVCLLNNFYPREAKVQWKVDNALQSGNSQ
ESVTEQDSKDSTYSLSSTLTLSKADYEKHKVYACEVTHQGLSSPVTKSFNRGE
;
B,L
3 'polypeptide(L)'
;PNSEDKNFPRTVMVNLNIHNRNTNTNPKRSSDYYNRSTSPWNLHRNEDPERYPSVIWEAKCRHLGCINADGNVDYHMNSV
PIQQEILVLRREPPHSPNSFRLEKILVSVGCTCVTPIVHHVA
;
I,J
#
# COMPACT_ATOMS: atom_id res chain seq x y z
N GLU A 1 -13.66 13.56 3.78
CA GLU A 1 -13.13 14.90 3.52
C GLU A 1 -12.82 15.66 4.80
N VAL A 2 -11.74 16.45 4.79
CA VAL A 2 -11.41 17.28 5.94
C VAL A 2 -12.14 18.61 5.77
N GLN A 3 -12.77 19.09 6.82
CA GLN A 3 -13.49 20.36 6.76
C GLN A 3 -13.13 21.24 7.93
N LEU A 4 -12.81 22.51 7.64
CA LEU A 4 -12.47 23.51 8.64
C LEU A 4 -13.44 24.67 8.43
N VAL A 5 -14.23 25.03 9.44
CA VAL A 5 -15.21 26.11 9.29
C VAL A 5 -15.00 27.23 10.29
N GLU A 6 -14.71 28.45 9.82
CA GLU A 6 -14.48 29.57 10.70
C GLU A 6 -15.67 30.48 10.95
N SER A 7 -15.68 31.10 12.11
CA SER A 7 -16.69 32.04 12.56
C SER A 7 -16.04 33.05 13.52
N GLY A 8 -16.66 34.21 13.66
CA GLY A 8 -16.16 35.21 14.60
C GLY A 8 -15.66 36.50 13.99
N GLY A 9 -15.42 36.49 12.68
CA GLY A 9 -14.92 37.67 12.00
C GLY A 9 -15.98 38.74 11.88
N GLY A 10 -15.59 39.97 12.15
CA GLY A 10 -16.51 41.10 12.06
C GLY A 10 -15.80 42.42 12.25
N LEU A 11 -16.60 43.48 12.39
CA LEU A 11 -16.09 44.83 12.61
C LEU A 11 -15.75 44.97 14.08
N VAL A 12 -14.57 45.48 14.36
CA VAL A 12 -14.12 45.70 15.73
C VAL A 12 -13.39 47.02 15.80
N GLN A 13 -13.70 47.81 16.81
CA GLN A 13 -13.08 49.12 16.97
C GLN A 13 -11.61 48.97 17.32
N PRO A 14 -10.76 49.94 16.91
CA PRO A 14 -9.33 49.87 17.26
C PRO A 14 -9.13 49.78 18.77
N GLY A 15 -8.20 48.93 19.19
CA GLY A 15 -7.95 48.69 20.60
C GLY A 15 -8.88 47.65 21.22
N GLY A 16 -9.91 47.23 20.47
CA GLY A 16 -10.90 46.26 20.92
C GLY A 16 -10.47 44.82 20.86
N SER A 17 -11.43 43.90 21.09
CA SER A 17 -11.16 42.47 21.09
C SER A 17 -12.16 41.66 20.30
N LEU A 18 -11.67 40.61 19.66
CA LEU A 18 -12.47 39.69 18.86
C LEU A 18 -11.96 38.24 19.00
N ARG A 19 -12.86 37.25 18.96
CA ARG A 19 -12.45 35.85 19.08
C ARG A 19 -12.83 35.03 17.85
N LEU A 20 -11.84 34.46 17.18
CA LEU A 20 -12.08 33.63 16.01
C LEU A 20 -12.17 32.16 16.40
N SER A 21 -13.03 31.41 15.72
CA SER A 21 -13.23 29.98 16.03
C SER A 21 -13.19 29.20 14.75
N CYS A 22 -12.70 27.98 14.83
CA CYS A 22 -12.58 27.12 13.67
C CYS A 22 -13.05 25.74 14.06
N ALA A 23 -14.14 25.25 13.47
CA ALA A 23 -14.66 23.92 13.76
C ALA A 23 -14.09 22.92 12.79
N ALA A 24 -13.39 21.90 13.30
CA ALA A 24 -12.75 20.89 12.47
C ALA A 24 -13.49 19.57 12.44
N SER A 25 -13.42 18.91 11.29
CA SER A 25 -14.02 17.59 11.09
C SER A 25 -13.31 16.82 9.97
N GLY A 26 -13.47 15.50 9.97
CA GLY A 26 -12.86 14.67 8.93
C GLY A 26 -11.48 14.12 9.26
N PHE A 27 -10.98 14.42 10.46
CA PHE A 27 -9.67 13.94 10.89
C PHE A 27 -9.57 13.94 12.43
N THR A 28 -8.53 13.29 12.97
CA THR A 28 -8.31 13.27 14.41
C THR A 28 -7.65 14.57 14.81
N PHE A 29 -8.46 15.57 15.10
CA PHE A 29 -8.05 16.92 15.46
C PHE A 29 -6.98 16.94 16.56
N SER A 30 -7.17 16.10 17.58
CA SER A 30 -6.23 16.04 18.69
C SER A 30 -4.86 15.48 18.35
N ASP A 31 -4.69 14.94 17.12
CA ASP A 31 -3.42 14.38 16.66
C ASP A 31 -2.57 15.39 15.91
N TYR A 32 -3.13 16.58 15.58
CA TYR A 32 -2.40 17.53 14.76
C TYR A 32 -2.24 18.92 15.34
N ASN A 33 -1.09 19.56 15.02
CA ASN A 33 -0.83 20.95 15.38
C ASN A 33 -1.69 21.79 14.45
N MET A 34 -2.26 22.89 14.96
CA MET A 34 -3.12 23.75 14.17
C MET A 34 -2.57 25.18 14.07
N ALA A 35 -2.88 25.90 12.98
CA ALA A 35 -2.35 27.25 12.79
C ALA A 35 -3.40 28.23 12.26
N TRP A 36 -3.14 29.54 12.45
CA TRP A 36 -3.93 30.62 11.90
C TRP A 36 -3.00 31.36 10.96
N VAL A 37 -3.47 31.61 9.74
CA VAL A 37 -2.77 32.33 8.68
C VAL A 37 -3.70 33.47 8.27
N ARG A 38 -3.19 34.68 8.03
CA ARG A 38 -4.03 35.80 7.63
C ARG A 38 -3.63 36.42 6.29
N GLN A 39 -4.54 37.17 5.68
CA GLN A 39 -4.25 37.82 4.41
C GLN A 39 -4.89 39.20 4.40
N ALA A 40 -4.07 40.26 4.47
CA ALA A 40 -4.59 41.62 4.44
C ALA A 40 -5.21 41.91 3.08
N PRO A 41 -6.27 42.74 2.99
CA PRO A 41 -6.92 42.96 1.69
C PRO A 41 -5.97 43.37 0.58
N GLY A 42 -5.90 42.54 -0.46
CA GLY A 42 -5.01 42.76 -1.61
C GLY A 42 -3.54 42.48 -1.33
N LYS A 43 -3.25 41.71 -0.28
CA LYS A 43 -1.87 41.39 0.08
C LYS A 43 -1.66 39.85 0.11
N GLY A 44 -0.45 39.41 0.47
CA GLY A 44 -0.12 37.99 0.51
C GLY A 44 -0.48 37.27 1.80
N LEU A 45 -0.12 35.99 1.86
CA LEU A 45 -0.38 35.15 3.02
C LEU A 45 0.65 35.43 4.10
N GLU A 46 0.24 35.39 5.36
CA GLU A 46 1.11 35.70 6.48
C GLU A 46 0.76 34.80 7.65
N TRP A 47 1.71 33.95 8.09
CA TRP A 47 1.46 33.07 9.22
C TRP A 47 1.29 33.92 10.50
N VAL A 48 0.31 33.57 11.33
CA VAL A 48 0.00 34.30 12.57
C VAL A 48 0.37 33.55 13.84
N ALA A 49 -0.10 32.30 14.02
CA ALA A 49 0.17 31.54 15.24
C ALA A 49 0.03 30.06 15.01
N THR A 50 0.73 29.22 15.81
CA THR A 50 0.63 27.75 15.78
C THR A 50 0.45 27.22 17.21
N ILE A 51 -0.35 26.16 17.38
CA ILE A 51 -0.57 25.52 18.67
C ILE A 51 -0.41 24.01 18.48
N THR A 52 0.31 23.35 19.40
CA THR A 52 0.55 21.92 19.28
C THR A 52 -0.72 21.11 19.57
N TYR A 53 -0.72 19.83 19.13
CA TYR A 53 -1.82 18.87 19.17
C TYR A 53 -2.56 18.80 20.50
N GLU A 54 -1.87 18.99 21.64
CA GLU A 54 -2.56 18.98 22.92
C GLU A 54 -2.34 20.27 23.72
N GLY A 55 -2.25 21.37 22.98
CA GLY A 55 -2.18 22.73 23.48
C GLY A 55 -1.05 23.08 24.42
N ARG A 56 -0.05 22.22 24.53
CA ARG A 56 1.04 22.45 25.46
C ARG A 56 2.06 23.50 24.99
N ASN A 57 2.14 23.75 23.67
CA ASN A 57 3.08 24.74 23.13
C ASN A 57 2.42 25.65 22.12
N THR A 58 2.71 26.96 22.20
CA THR A 58 2.18 27.98 21.29
C THR A 58 3.31 28.82 20.72
N TYR A 59 3.15 29.25 19.46
CA TYR A 59 4.15 30.03 18.72
C TYR A 59 3.42 31.18 18.02
N TYR A 60 3.99 32.40 18.00
CA TYR A 60 3.33 33.55 17.39
C TYR A 60 4.24 34.39 16.53
N ARG A 61 3.64 35.08 15.54
CA ARG A 61 4.28 36.08 14.69
C ARG A 61 4.65 37.24 15.62
N ASP A 62 5.85 37.81 15.47
CA ASP A 62 6.32 38.91 16.32
C ASP A 62 5.32 40.04 16.52
N SER A 63 4.68 40.49 15.44
CA SER A 63 3.72 41.60 15.53
C SER A 63 2.47 41.31 16.35
N VAL A 64 2.14 40.03 16.59
CA VAL A 64 0.93 39.72 17.37
C VAL A 64 1.21 39.18 18.76
N LYS A 65 2.49 38.99 19.12
CA LYS A 65 2.89 38.46 20.41
C LYS A 65 2.40 39.36 21.53
N GLY A 66 1.75 38.77 22.52
CA GLY A 66 1.19 39.50 23.65
C GLY A 66 -0.22 40.03 23.43
N ARG A 67 -0.64 40.15 22.17
CA ARG A 67 -1.96 40.64 21.82
C ARG A 67 -2.89 39.47 21.47
N PHE A 68 -2.36 38.43 20.80
CA PHE A 68 -3.17 37.30 20.38
C PHE A 68 -2.90 36.06 21.23
N THR A 69 -3.91 35.21 21.41
CA THR A 69 -3.78 33.95 22.12
C THR A 69 -4.44 32.83 21.32
N ILE A 70 -3.67 31.83 20.93
CA ILE A 70 -4.20 30.70 20.20
C ILE A 70 -4.52 29.63 21.22
N SER A 71 -5.72 29.05 21.12
CA SER A 71 -6.16 27.99 22.04
C SER A 71 -6.94 26.91 21.28
N ARG A 72 -7.21 25.78 21.92
CA ARG A 72 -7.99 24.71 21.29
C ARG A 72 -8.77 23.91 22.33
N ASP A 73 -9.86 23.31 21.89
CA ASP A 73 -10.66 22.46 22.75
C ASP A 73 -10.76 21.17 21.96
N ASN A 74 -9.88 20.21 22.25
CA ASN A 74 -9.89 18.96 21.53
C ASN A 74 -11.18 18.19 21.67
N ALA A 75 -11.91 18.36 22.80
CA ALA A 75 -13.19 17.69 23.00
C ALA A 75 -14.26 18.25 22.06
N LYS A 76 -14.20 19.55 21.76
CA LYS A 76 -15.16 20.15 20.84
C LYS A 76 -14.64 20.26 19.40
N ASN A 77 -13.46 19.67 19.12
CA ASN A 77 -12.78 19.69 17.82
C ASN A 77 -12.69 21.12 17.26
N SER A 78 -12.33 22.11 18.11
CA SER A 78 -12.26 23.49 17.65
C SER A 78 -11.01 24.23 18.08
N LEU A 79 -10.60 25.15 17.22
CA LEU A 79 -9.41 26.00 17.37
C LEU A 79 -9.90 27.44 17.58
N TYR A 80 -9.20 28.21 18.41
CA TYR A 80 -9.59 29.59 18.69
C TYR A 80 -8.45 30.58 18.53
N LEU A 81 -8.79 31.85 18.25
CA LEU A 81 -7.81 32.91 18.19
C LEU A 81 -8.37 34.12 18.89
N GLN A 82 -7.92 34.36 20.11
CA GLN A 82 -8.36 35.51 20.88
C GLN A 82 -7.47 36.69 20.48
N MET A 83 -8.07 37.73 19.89
CA MET A 83 -7.33 38.87 19.43
C MET A 83 -7.61 40.09 20.31
N ASN A 84 -6.58 40.67 20.94
CA ASN A 84 -6.74 41.86 21.76
C ASN A 84 -5.91 43.05 21.21
N SER A 85 -6.21 44.28 21.66
CA SER A 85 -5.51 45.51 21.25
C SER A 85 -5.38 45.60 19.71
N LEU A 86 -6.49 45.38 19.01
CA LEU A 86 -6.53 45.34 17.55
C LEU A 86 -6.13 46.63 16.86
N ARG A 87 -5.28 46.51 15.84
CA ARG A 87 -4.76 47.64 15.05
C ARG A 87 -5.15 47.50 13.57
N ALA A 88 -4.81 48.50 12.76
CA ALA A 88 -5.07 48.48 11.32
C ALA A 88 -4.39 47.29 10.63
N GLU A 89 -3.16 46.95 11.03
CA GLU A 89 -2.45 45.80 10.45
C GLU A 89 -3.19 44.46 10.64
N ASP A 90 -4.15 44.40 11.58
CA ASP A 90 -4.89 43.20 11.85
C ASP A 90 -6.13 43.03 10.96
N THR A 91 -6.50 44.05 10.15
CA THR A 91 -7.62 43.89 9.21
C THR A 91 -7.15 42.93 8.13
N ALA A 92 -7.77 41.76 8.06
CA ALA A 92 -7.37 40.70 7.16
C ALA A 92 -8.41 39.57 7.17
N VAL A 93 -8.34 38.66 6.19
CA VAL A 93 -9.14 37.45 6.22
C VAL A 93 -8.27 36.43 6.98
N TYR A 94 -8.82 35.81 8.02
CA TYR A 94 -8.10 34.85 8.83
C TYR A 94 -8.54 33.46 8.50
N TYR A 95 -7.59 32.59 8.18
CA TYR A 95 -7.80 31.19 7.84
C TYR A 95 -7.22 30.30 8.92
N CYS A 96 -7.86 29.17 9.21
CA CYS A 96 -7.30 28.17 10.10
C CYS A 96 -6.83 27.08 9.16
N ALA A 97 -5.60 26.60 9.38
CA ALA A 97 -5.02 25.61 8.51
C ALA A 97 -4.53 24.42 9.28
N SER A 98 -4.72 23.23 8.71
CA SER A 98 -4.38 21.96 9.29
C SER A 98 -3.23 21.26 8.51
N PRO A 99 -2.45 20.38 9.18
CA PRO A 99 -1.37 19.68 8.48
C PRO A 99 -1.87 18.44 7.69
N PRO A 100 -1.03 17.78 6.86
CA PRO A 100 -1.49 16.56 6.16
C PRO A 100 -1.75 15.36 7.07
N GLN A 101 -2.83 14.61 6.83
CA GLN A 101 -3.18 13.48 7.69
C GLN A 101 -2.27 12.26 7.49
N TYR A 102 -1.53 12.18 6.38
CA TYR A 102 -0.68 11.00 6.12
C TYR A 102 0.78 11.16 6.61
N TYR A 103 1.03 12.11 7.52
CA TYR A 103 2.32 12.33 8.17
C TYR A 103 2.08 12.35 9.66
N GLU A 104 3.06 11.91 10.47
CA GLU A 104 2.89 11.94 11.92
C GLU A 104 2.72 13.39 12.43
N GLY A 105 1.69 13.63 13.24
CA GLY A 105 1.44 14.96 13.81
C GLY A 105 2.49 15.45 14.79
N SER A 106 3.49 14.64 15.08
CA SER A 106 4.60 15.06 15.93
C SER A 106 5.65 15.86 15.12
N ILE A 107 5.55 15.87 13.76
CA ILE A 107 6.46 16.58 12.89
C ILE A 107 6.01 18.04 12.90
N TYR A 108 6.81 18.92 13.51
CA TYR A 108 6.44 20.34 13.61
C TYR A 108 6.45 21.06 12.27
N ARG A 109 7.48 20.80 11.45
CA ARG A 109 7.65 21.51 10.19
C ARG A 109 6.76 21.05 9.02
N LEU A 110 5.49 20.66 9.30
CA LEU A 110 4.54 20.25 8.27
C LEU A 110 3.86 21.46 7.65
N TRP A 111 3.50 21.33 6.39
CA TRP A 111 2.80 22.34 5.61
C TRP A 111 1.28 22.37 5.96
N PHE A 112 0.51 23.22 5.24
CA PHE A 112 -0.90 23.38 5.46
C PHE A 112 -1.63 22.65 4.32
N ALA A 113 -2.03 21.40 4.53
CA ALA A 113 -2.71 20.63 3.49
C ALA A 113 -4.22 20.90 3.40
N HIS A 114 -4.81 21.58 4.41
CA HIS A 114 -6.24 21.88 4.49
C HIS A 114 -6.46 23.24 5.13
N TRP A 115 -7.31 24.11 4.54
CA TRP A 115 -7.60 25.46 5.04
C TRP A 115 -9.10 25.68 5.16
N GLY A 116 -9.50 26.54 6.09
CA GLY A 116 -10.91 26.90 6.23
C GLY A 116 -11.34 27.84 5.13
N GLN A 117 -12.58 28.35 5.18
CA GLN A 117 -13.05 29.25 4.11
C GLN A 117 -12.51 30.68 4.26
N GLY A 118 -12.20 31.07 5.50
CA GLY A 118 -11.70 32.38 5.84
C GLY A 118 -12.79 33.21 6.48
N THR A 119 -12.43 34.02 7.49
CA THR A 119 -13.37 34.92 8.16
C THR A 119 -12.76 36.32 8.16
N LEU A 120 -13.52 37.34 7.71
CA LEU A 120 -12.98 38.69 7.61
C LEU A 120 -13.06 39.47 8.90
N VAL A 121 -11.92 40.06 9.34
CA VAL A 121 -11.86 40.90 10.53
C VAL A 121 -11.58 42.30 10.02
N THR A 122 -12.47 43.27 10.35
CA THR A 122 -12.27 44.64 9.92
C THR A 122 -12.04 45.52 11.13
N VAL A 123 -10.85 46.13 11.24
CA VAL A 123 -10.54 47.00 12.38
C VAL A 123 -10.78 48.43 11.97
N SER A 124 -11.91 48.99 12.43
CA SER A 124 -12.28 50.34 12.06
C SER A 124 -13.15 50.98 13.10
N SER A 125 -13.04 52.30 13.22
CA SER A 125 -13.89 53.06 14.14
C SER A 125 -15.22 53.53 13.46
N ALA A 126 -15.39 53.24 12.14
CA ALA A 126 -16.62 53.54 11.41
C ALA A 126 -17.76 52.66 11.89
N SER A 127 -18.98 53.12 11.72
CA SER A 127 -20.16 52.40 12.21
C SER A 127 -20.77 51.44 11.20
N THR A 128 -21.46 50.41 11.70
CA THR A 128 -22.14 49.42 10.87
C THR A 128 -23.35 50.08 10.21
N LYS A 129 -23.56 49.82 8.92
CA LYS A 129 -24.71 50.32 8.21
C LYS A 129 -25.17 49.25 7.23
N GLY A 130 -26.47 48.97 7.23
CA GLY A 130 -27.05 48.00 6.32
C GLY A 130 -27.24 48.58 4.93
N PRO A 131 -27.29 47.70 3.91
CA PRO A 131 -27.43 48.19 2.54
C PRO A 131 -28.87 48.46 2.10
N SER A 132 -28.99 49.22 1.01
CA SER A 132 -30.25 49.58 0.37
C SER A 132 -30.18 48.87 -0.99
N VAL A 133 -31.16 48.01 -1.28
CA VAL A 133 -31.13 47.23 -2.50
C VAL A 133 -32.11 47.76 -3.53
N PHE A 134 -31.60 48.13 -4.70
CA PHE A 134 -32.43 48.68 -5.76
C PHE A 134 -32.31 47.84 -7.00
N PRO A 135 -33.40 47.72 -7.78
CA PRO A 135 -33.32 46.91 -9.00
C PRO A 135 -32.60 47.62 -10.13
N LEU A 136 -32.00 46.84 -11.01
CA LEU A 136 -31.36 47.29 -12.23
C LEU A 136 -32.22 46.59 -13.28
N ALA A 137 -33.35 47.22 -13.63
CA ALA A 137 -34.36 46.65 -14.51
C ALA A 137 -33.99 46.62 -16.00
N PRO A 138 -34.31 45.51 -16.69
CA PRO A 138 -33.97 45.40 -18.11
C PRO A 138 -34.82 46.31 -19.01
N SER A 139 -34.29 46.63 -20.19
CA SER A 139 -34.98 47.49 -21.15
C SER A 139 -35.52 46.72 -22.37
N SER A 140 -36.50 47.32 -23.05
CA SER A 140 -37.12 46.75 -24.24
C SER A 140 -36.36 47.12 -25.52
N GLY A 146 -33.27 38.60 -27.90
CA GLY A 146 -32.09 37.75 -27.83
C GLY A 146 -31.63 37.50 -26.40
N THR A 147 -30.86 38.45 -25.83
CA THR A 147 -30.35 38.38 -24.45
C THR A 147 -30.57 39.68 -23.69
N ALA A 148 -31.25 39.61 -22.55
CA ALA A 148 -31.48 40.77 -21.71
C ALA A 148 -30.62 40.69 -20.43
N ALA A 149 -30.29 41.84 -19.85
CA ALA A 149 -29.50 41.90 -18.63
C ALA A 149 -30.30 42.59 -17.53
N LEU A 150 -30.18 42.09 -16.31
CA LEU A 150 -30.85 42.68 -15.15
C LEU A 150 -29.98 42.49 -13.91
N GLY A 151 -30.26 43.23 -12.84
CA GLY A 151 -29.46 43.10 -11.62
C GLY A 151 -29.97 43.80 -10.39
N CYS A 152 -29.07 43.98 -9.42
CA CYS A 152 -29.35 44.61 -8.16
C CYS A 152 -28.21 45.50 -7.77
N LEU A 153 -28.53 46.69 -7.34
CA LEU A 153 -27.56 47.63 -6.85
C LEU A 153 -27.68 47.61 -5.34
N VAL A 154 -26.61 47.22 -4.66
CA VAL A 154 -26.55 47.15 -3.20
C VAL A 154 -25.74 48.38 -2.78
N LYS A 155 -26.42 49.40 -2.26
CA LYS A 155 -25.75 50.65 -1.92
C LYS A 155 -25.66 50.96 -0.43
N ASP A 156 -24.61 51.70 -0.09
CA ASP A 156 -24.30 52.27 1.22
C ASP A 156 -24.30 51.29 2.40
N TYR A 157 -23.30 50.39 2.45
CA TYR A 157 -23.18 49.45 3.58
C TYR A 157 -21.77 49.41 4.16
N PHE A 158 -21.67 49.05 5.43
CA PHE A 158 -20.39 48.94 6.10
C PHE A 158 -20.52 47.97 7.27
N PRO A 159 -19.56 47.06 7.48
CA PRO A 159 -18.35 46.82 6.66
C PRO A 159 -18.60 45.76 5.58
N GLU A 160 -17.54 45.25 4.95
CA GLU A 160 -17.65 44.14 4.03
C GLU A 160 -17.87 42.86 4.89
N PRO A 161 -18.51 41.79 4.39
CA PRO A 161 -18.95 41.55 3.01
C PRO A 161 -20.48 41.52 2.80
N VAL A 162 -20.91 41.48 1.55
CA VAL A 162 -22.32 41.35 1.17
C VAL A 162 -22.39 40.14 0.21
N THR A 163 -23.29 39.19 0.46
CA THR A 163 -23.41 38.02 -0.40
C THR A 163 -24.66 38.18 -1.27
N VAL A 164 -24.55 37.89 -2.58
CA VAL A 164 -25.72 37.98 -3.46
C VAL A 164 -25.94 36.67 -4.20
N SER A 165 -27.16 36.13 -4.09
CA SER A 165 -27.55 34.94 -4.84
C SER A 165 -28.78 35.29 -5.70
N TRP A 166 -29.11 34.45 -6.68
CA TRP A 166 -30.26 34.71 -7.54
C TRP A 166 -31.20 33.53 -7.49
N ASN A 167 -32.51 33.81 -7.30
CA ASN A 167 -33.56 32.80 -7.18
C ASN A 167 -33.22 31.72 -6.16
N SER A 168 -32.65 32.14 -5.01
CA SER A 168 -32.20 31.30 -3.90
C SER A 168 -31.11 30.32 -4.29
N GLY A 169 -30.25 30.71 -5.22
CA GLY A 169 -29.15 29.88 -5.67
C GLY A 169 -29.46 29.00 -6.88
N ALA A 170 -30.73 28.98 -7.33
CA ALA A 170 -31.16 28.20 -8.49
C ALA A 170 -30.59 28.76 -9.80
N LEU A 171 -30.38 30.08 -9.86
CA LEU A 171 -29.84 30.75 -11.03
C LEU A 171 -28.38 31.13 -10.77
N THR A 172 -27.45 30.42 -11.42
CA THR A 172 -26.01 30.69 -11.27
C THR A 172 -25.35 31.04 -12.60
N SER A 173 -25.86 30.49 -13.70
CA SER A 173 -25.31 30.76 -15.03
C SER A 173 -25.55 32.22 -15.46
N GLY A 174 -24.49 32.88 -15.89
CA GLY A 174 -24.57 34.26 -16.35
C GLY A 174 -24.57 35.33 -15.27
N VAL A 175 -24.34 34.94 -14.00
CA VAL A 175 -24.30 35.87 -12.88
C VAL A 175 -22.92 36.50 -12.72
N HIS A 176 -22.87 37.81 -12.51
CA HIS A 176 -21.62 38.51 -12.28
C HIS A 176 -21.83 39.40 -11.06
N THR A 177 -21.25 39.04 -9.91
CA THR A 177 -21.34 39.89 -8.72
C THR A 177 -20.03 40.65 -8.62
N PHE A 178 -20.07 41.95 -8.82
CA PHE A 178 -18.88 42.79 -8.84
C PHE A 178 -18.25 43.02 -7.48
N PRO A 179 -16.91 43.24 -7.47
CA PRO A 179 -16.25 43.63 -6.22
C PRO A 179 -16.83 44.95 -5.71
N ALA A 180 -16.99 45.09 -4.40
CA ALA A 180 -17.51 46.33 -3.82
C ALA A 180 -16.55 47.49 -4.05
N VAL A 181 -17.10 48.68 -4.18
CA VAL A 181 -16.30 49.88 -4.30
C VAL A 181 -16.57 50.75 -3.10
N LEU A 182 -15.49 51.31 -2.56
CA LEU A 182 -15.63 52.21 -1.41
C LEU A 182 -15.95 53.58 -1.98
N GLN A 183 -17.15 54.07 -1.70
CA GLN A 183 -17.58 55.37 -2.18
C GLN A 183 -16.90 56.49 -1.39
N SER A 184 -16.89 57.71 -1.94
CA SER A 184 -16.30 58.87 -1.25
C SER A 184 -16.95 59.10 0.13
N SER A 185 -18.20 58.60 0.33
CA SER A 185 -18.96 58.66 1.59
C SER A 185 -18.37 57.79 2.71
N GLY A 186 -17.49 56.85 2.35
CA GLY A 186 -16.91 55.90 3.29
C GLY A 186 -17.71 54.61 3.36
N LEU A 187 -18.80 54.50 2.59
CA LEU A 187 -19.65 53.32 2.54
C LEU A 187 -19.41 52.52 1.28
N TYR A 188 -19.69 51.24 1.35
CA TYR A 188 -19.50 50.36 0.21
C TYR A 188 -20.72 50.27 -0.67
N SER A 189 -20.51 49.89 -1.92
CA SER A 189 -21.56 49.68 -2.88
C SER A 189 -21.11 48.69 -3.93
N LEU A 190 -22.03 47.82 -4.38
CA LEU A 190 -21.74 46.86 -5.43
C LEU A 190 -22.96 46.56 -6.28
N SER A 191 -22.75 46.03 -7.48
CA SER A 191 -23.85 45.61 -8.32
C SER A 191 -23.70 44.11 -8.62
N SER A 192 -24.82 43.41 -8.75
CA SER A 192 -24.80 42.00 -9.12
C SER A 192 -25.73 41.88 -10.31
N VAL A 193 -25.24 41.40 -11.46
CA VAL A 193 -26.06 41.31 -12.68
C VAL A 193 -26.20 39.86 -13.17
N VAL A 194 -27.14 39.61 -14.08
CA VAL A 194 -27.35 38.31 -14.68
C VAL A 194 -27.92 38.49 -16.07
N THR A 195 -27.41 37.74 -17.05
CA THR A 195 -27.94 37.79 -18.41
C THR A 195 -28.86 36.62 -18.57
N VAL A 196 -30.08 36.90 -19.00
CA VAL A 196 -31.11 35.89 -19.19
C VAL A 196 -31.72 36.02 -20.59
N PRO A 197 -32.37 34.95 -21.10
CA PRO A 197 -33.01 35.06 -22.42
C PRO A 197 -34.14 36.08 -22.39
N SER A 198 -34.31 36.82 -23.49
CA SER A 198 -35.35 37.84 -23.58
C SER A 198 -36.76 37.23 -23.58
N SER A 199 -36.90 35.97 -24.05
CA SER A 199 -38.19 35.28 -24.12
C SER A 199 -38.80 35.02 -22.73
N SER A 200 -37.95 34.84 -21.71
CA SER A 200 -38.37 34.57 -20.34
C SER A 200 -38.49 35.83 -19.49
N LEU A 201 -38.62 37.02 -20.10
CA LEU A 201 -38.71 38.26 -19.33
C LEU A 201 -40.01 38.35 -18.48
N GLY A 202 -41.17 38.33 -19.11
CA GLY A 202 -42.44 38.37 -18.40
C GLY A 202 -42.95 37.00 -17.96
N THR A 203 -42.12 35.97 -18.10
CA THR A 203 -42.47 34.59 -17.77
C THR A 203 -41.79 34.15 -16.48
N GLN A 204 -40.46 34.31 -16.40
CA GLN A 204 -39.66 33.90 -15.26
C GLN A 204 -39.49 35.04 -14.27
N THR A 205 -39.55 34.74 -12.97
CA THR A 205 -39.36 35.76 -11.94
C THR A 205 -37.90 35.73 -11.50
N TYR A 206 -37.27 36.90 -11.43
CA TYR A 206 -35.87 36.98 -11.02
C TYR A 206 -35.77 37.76 -9.74
N ILE A 207 -35.21 37.15 -8.70
CA ILE A 207 -35.11 37.78 -7.40
C ILE A 207 -33.69 37.68 -6.89
N CYS A 208 -33.09 38.80 -6.47
CA CYS A 208 -31.75 38.74 -5.88
C CYS A 208 -31.86 38.65 -4.36
N ASN A 209 -31.05 37.80 -3.75
CA ASN A 209 -31.07 37.61 -2.30
C ASN A 209 -29.78 38.17 -1.74
N VAL A 210 -29.90 39.32 -1.11
CA VAL A 210 -28.78 40.02 -0.54
C VAL A 210 -28.70 39.76 0.95
N ASN A 211 -27.52 39.39 1.43
CA ASN A 211 -27.33 39.15 2.84
C ASN A 211 -26.09 39.90 3.34
N HIS A 212 -26.28 40.80 4.30
CA HIS A 212 -25.21 41.54 4.95
C HIS A 212 -25.28 41.12 6.40
N LYS A 213 -24.54 40.06 6.75
CA LYS A 213 -24.57 39.56 8.11
C LYS A 213 -24.11 40.57 9.20
N PRO A 214 -23.14 41.48 8.97
CA PRO A 214 -22.76 42.43 10.05
C PRO A 214 -23.88 43.32 10.58
N SER A 215 -24.87 43.62 9.74
CA SER A 215 -26.02 44.44 10.16
C SER A 215 -27.31 43.62 10.27
N ASN A 216 -27.25 42.29 10.08
CA ASN A 216 -28.38 41.38 10.09
C ASN A 216 -29.43 41.82 9.08
N THR A 217 -28.96 42.17 7.86
CA THR A 217 -29.84 42.60 6.78
C THR A 217 -29.99 41.47 5.78
N LYS A 218 -31.23 41.08 5.49
CA LYS A 218 -31.50 40.06 4.50
C LYS A 218 -32.61 40.64 3.63
N VAL A 219 -32.33 40.87 2.35
CA VAL A 219 -33.30 41.47 1.44
C VAL A 219 -33.47 40.58 0.23
N ASP A 220 -34.72 40.30 -0.16
CA ASP A 220 -34.99 39.53 -1.36
C ASP A 220 -35.72 40.49 -2.29
N LYS A 221 -35.03 40.99 -3.31
CA LYS A 221 -35.59 41.99 -4.21
C LYS A 221 -36.02 41.42 -5.55
N LYS A 222 -37.29 41.61 -5.90
CA LYS A 222 -37.82 41.14 -7.18
C LYS A 222 -37.46 42.15 -8.26
N VAL A 223 -36.80 41.69 -9.33
CA VAL A 223 -36.39 42.55 -10.44
C VAL A 223 -37.29 42.29 -11.65
N GLU A 224 -38.18 43.25 -11.93
CA GLU A 224 -39.15 43.18 -13.03
C GLU A 224 -38.94 44.34 -14.00
N PRO A 225 -39.22 44.13 -15.30
CA PRO A 225 -39.14 45.26 -16.24
C PRO A 225 -40.23 46.29 -15.92
N LYS A 226 -39.91 47.59 -16.00
CA LYS A 226 -40.89 48.63 -15.67
C LYS A 226 -41.94 48.80 -16.76
N ALA B 1 12.28 35.70 9.22
CA ALA B 1 13.73 35.60 9.04
C ALA B 1 14.13 35.08 7.64
N ILE B 2 13.68 33.86 7.21
CA ILE B 2 14.01 33.42 5.84
C ILE B 2 13.13 34.14 4.83
N GLN B 3 13.71 34.96 3.96
CA GLN B 3 12.95 35.71 2.97
C GLN B 3 12.83 34.95 1.67
N LEU B 4 11.61 34.92 1.10
CA LEU B 4 11.37 34.24 -0.17
C LEU B 4 10.97 35.25 -1.22
N THR B 5 11.63 35.22 -2.37
CA THR B 5 11.34 36.14 -3.45
C THR B 5 10.85 35.42 -4.68
N GLN B 6 9.61 35.71 -5.09
CA GLN B 6 9.07 35.08 -6.29
C GLN B 6 9.30 35.93 -7.52
N SER B 7 9.50 35.28 -8.66
CA SER B 7 9.66 35.98 -9.93
C SER B 7 8.97 35.22 -11.05
N PRO B 8 8.12 35.91 -11.84
CA PRO B 8 7.75 37.33 -11.73
C PRO B 8 6.64 37.56 -10.69
N SER B 9 6.24 38.83 -10.48
CA SER B 9 5.13 39.12 -9.57
C SER B 9 3.77 38.90 -10.24
N SER B 10 3.74 38.94 -11.57
CA SER B 10 2.59 38.68 -12.39
C SER B 10 3.04 38.29 -13.79
N LEU B 11 2.21 37.52 -14.47
CA LEU B 11 2.49 37.11 -15.84
C LEU B 11 1.18 36.82 -16.58
N SER B 12 1.22 36.92 -17.90
CA SER B 12 0.07 36.64 -18.74
C SER B 12 0.50 35.64 -19.78
N ALA B 13 -0.23 34.54 -19.90
CA ALA B 13 0.11 33.52 -20.87
C ALA B 13 -1.11 32.91 -21.53
N SER B 14 -0.95 32.49 -22.77
CA SER B 14 -2.01 31.88 -23.54
C SER B 14 -2.25 30.44 -23.08
N VAL B 15 -3.45 29.90 -23.35
CA VAL B 15 -3.75 28.51 -23.04
C VAL B 15 -2.83 27.60 -23.85
N GLY B 16 -2.18 26.67 -23.19
CA GLY B 16 -1.22 25.79 -23.84
C GLY B 16 0.23 26.17 -23.58
N ASP B 17 0.48 27.40 -23.10
CA ASP B 17 1.84 27.84 -22.81
C ASP B 17 2.41 27.16 -21.57
N ARG B 18 3.75 27.05 -21.53
CA ARG B 18 4.48 26.53 -20.40
C ARG B 18 4.82 27.76 -19.56
N VAL B 19 4.35 27.78 -18.31
CA VAL B 19 4.57 28.89 -17.39
C VAL B 19 5.55 28.47 -16.30
N THR B 20 6.48 29.37 -15.93
CA THR B 20 7.45 29.06 -14.89
C THR B 20 7.52 30.17 -13.86
N ILE B 21 7.41 29.80 -12.60
CA ILE B 21 7.50 30.75 -11.50
C ILE B 21 8.67 30.33 -10.63
N THR B 22 9.59 31.25 -10.31
CA THR B 22 10.69 30.88 -9.42
C THR B 22 10.45 31.41 -8.00
N CYS B 23 11.13 30.82 -7.03
CA CYS B 23 11.08 31.21 -5.64
C CYS B 23 12.50 31.08 -5.14
N ARG B 24 13.08 32.16 -4.65
CA ARG B 24 14.45 32.13 -4.14
C ARG B 24 14.47 32.45 -2.66
N ALA B 25 15.11 31.62 -1.87
CA ALA B 25 15.20 31.83 -0.44
C ALA B 25 16.55 32.46 -0.11
N ASP B 26 16.61 33.36 0.90
CA ASP B 26 17.90 34.00 1.23
C ASP B 26 18.87 33.05 1.98
N GLU B 27 18.35 31.97 2.57
CA GLU B 27 19.14 30.91 3.20
C GLU B 27 18.55 29.57 2.74
N SER B 28 19.32 28.47 2.81
CA SER B 28 18.81 27.16 2.38
C SER B 28 17.62 26.64 3.22
N VAL B 29 16.57 26.13 2.56
CA VAL B 29 15.44 25.46 3.21
C VAL B 29 15.43 23.91 2.94
N ARG B 30 16.51 23.41 2.30
CA ARG B 30 16.75 22.05 1.83
C ARG B 30 15.58 21.62 0.94
N THR B 31 14.68 20.76 1.42
CA THR B 31 13.53 20.36 0.65
C THR B 31 12.22 20.89 1.22
N LEU B 32 12.24 21.63 2.35
CA LEU B 32 11.04 22.14 3.03
C LEU B 32 10.44 23.40 2.36
N MET B 33 10.12 23.24 1.08
CA MET B 33 9.52 24.24 0.22
C MET B 33 8.22 23.69 -0.36
N HIS B 34 7.13 24.47 -0.29
CA HIS B 34 5.80 24.02 -0.72
C HIS B 34 5.15 25.09 -1.59
N TRP B 35 4.19 24.72 -2.44
CA TRP B 35 3.48 25.68 -3.29
C TRP B 35 1.99 25.59 -3.06
N TYR B 36 1.31 26.74 -3.11
CA TYR B 36 -0.12 26.87 -2.93
C TYR B 36 -0.75 27.64 -4.07
N GLN B 37 -2.00 27.32 -4.41
CA GLN B 37 -2.73 28.03 -5.44
C GLN B 37 -3.91 28.71 -4.78
N GLN B 38 -4.08 30.02 -4.97
CA GLN B 38 -5.20 30.73 -4.39
C GLN B 38 -6.01 31.40 -5.47
N LYS B 39 -7.26 30.96 -5.66
CA LYS B 39 -8.18 31.53 -6.64
C LYS B 39 -8.92 32.71 -6.02
N PRO B 40 -9.25 33.74 -6.81
CA PRO B 40 -9.91 34.94 -6.23
C PRO B 40 -11.11 34.64 -5.33
N GLY B 41 -11.10 35.26 -4.15
CA GLY B 41 -12.16 35.10 -3.17
C GLY B 41 -12.29 33.70 -2.63
N LYS B 42 -11.19 32.93 -2.65
CA LYS B 42 -11.17 31.56 -2.13
C LYS B 42 -9.93 31.35 -1.26
N ALA B 43 -9.97 30.34 -0.39
CA ALA B 43 -8.83 30.03 0.47
C ALA B 43 -7.73 29.40 -0.37
N PRO B 44 -6.45 29.49 0.05
CA PRO B 44 -5.39 28.81 -0.70
C PRO B 44 -5.57 27.29 -0.64
N LYS B 45 -5.09 26.62 -1.66
CA LYS B 45 -5.15 25.16 -1.79
C LYS B 45 -3.69 24.66 -1.93
N LEU B 46 -3.31 23.56 -1.28
CA LEU B 46 -1.95 23.04 -1.40
C LEU B 46 -1.77 22.40 -2.79
N LEU B 47 -0.72 22.76 -3.51
CA LEU B 47 -0.47 22.20 -4.84
C LEU B 47 0.64 21.16 -4.72
N ILE B 48 1.81 21.59 -4.23
CA ILE B 48 3.02 20.79 -4.16
C ILE B 48 3.57 20.85 -2.74
N TYR B 49 4.07 19.73 -2.22
CA TYR B 49 4.70 19.72 -0.92
C TYR B 49 6.07 19.12 -1.06
N LEU B 50 7.01 19.54 -0.20
CA LEU B 50 8.37 19.03 -0.23
C LEU B 50 9.00 19.03 -1.62
N VAL B 51 9.04 20.22 -2.22
CA VAL B 51 9.66 20.54 -3.50
C VAL B 51 8.91 20.03 -4.72
N SER B 52 8.64 18.73 -4.81
CA SER B 52 8.13 18.15 -6.04
C SER B 52 6.93 17.29 -5.97
N ASN B 53 6.39 17.04 -4.77
CA ASN B 53 5.27 16.11 -4.63
C ASN B 53 3.92 16.75 -4.77
N SER B 54 3.14 16.32 -5.76
CA SER B 54 1.79 16.88 -5.94
C SER B 54 0.83 16.18 -4.99
N GLU B 55 -0.14 16.91 -4.41
CA GLU B 55 -1.14 16.20 -3.58
C GLU B 55 -2.14 15.48 -4.50
N ILE B 56 -2.76 14.36 -4.09
CA ILE B 56 -3.74 13.68 -4.97
C ILE B 56 -4.88 14.62 -5.41
N GLY B 57 -5.16 14.63 -6.69
CA GLY B 57 -6.16 15.53 -7.25
C GLY B 57 -5.56 16.70 -7.99
N VAL B 58 -4.25 16.98 -7.79
CA VAL B 58 -3.61 18.08 -8.50
C VAL B 58 -3.25 17.60 -9.91
N PRO B 59 -3.66 18.33 -10.96
CA PRO B 59 -3.37 17.86 -12.33
C PRO B 59 -1.88 17.67 -12.62
N ASP B 60 -1.57 16.74 -13.55
CA ASP B 60 -0.18 16.42 -13.95
C ASP B 60 0.58 17.60 -14.53
N ARG B 61 -0.13 18.61 -15.03
CA ARG B 61 0.52 19.76 -15.63
C ARG B 61 1.28 20.60 -14.60
N PHE B 62 1.05 20.41 -13.28
CA PHE B 62 1.76 21.15 -12.26
C PHE B 62 2.89 20.32 -11.75
N SER B 63 4.10 20.86 -11.77
CA SER B 63 5.26 20.15 -11.20
C SER B 63 6.18 21.14 -10.50
N GLY B 64 6.83 20.67 -9.46
CA GLY B 64 7.74 21.50 -8.70
C GLY B 64 9.13 20.95 -8.75
N SER B 65 10.13 21.83 -8.73
CA SER B 65 11.54 21.44 -8.74
C SER B 65 12.36 22.40 -7.88
N GLY B 66 13.57 21.99 -7.49
CA GLY B 66 14.41 22.86 -6.68
C GLY B 66 15.24 22.19 -5.60
N SER B 67 16.00 23.02 -4.88
CA SER B 67 16.88 22.56 -3.83
C SER B 67 17.56 23.72 -3.12
N GLY B 68 17.45 23.74 -1.81
CA GLY B 68 18.15 24.72 -0.99
C GLY B 68 17.67 26.13 -1.11
N THR B 69 18.18 26.89 -2.08
CA THR B 69 17.79 28.30 -2.23
C THR B 69 16.99 28.63 -3.51
N ASP B 70 17.04 27.78 -4.54
CA ASP B 70 16.35 28.06 -5.80
C ASP B 70 15.27 27.02 -6.08
N PHE B 71 14.00 27.44 -6.22
CA PHE B 71 12.86 26.55 -6.46
C PHE B 71 12.01 27.06 -7.65
N ARG B 72 11.27 26.17 -8.31
CA ARG B 72 10.50 26.50 -9.50
C ARG B 72 9.20 25.74 -9.55
N LEU B 73 8.10 26.40 -9.87
CA LEU B 73 6.82 25.73 -10.08
C LEU B 73 6.54 25.87 -11.57
N THR B 74 6.26 24.78 -12.26
CA THR B 74 6.00 24.82 -13.70
C THR B 74 4.61 24.32 -14.03
N ILE B 75 3.89 25.06 -14.86
CA ILE B 75 2.60 24.61 -15.37
C ILE B 75 2.92 24.31 -16.82
N SER B 76 3.10 23.02 -17.14
CA SER B 76 3.49 22.53 -18.46
C SER B 76 2.62 23.07 -19.57
N SER B 77 1.28 23.05 -19.37
CA SER B 77 0.34 23.55 -20.36
C SER B 77 -0.79 24.29 -19.66
N LEU B 78 -0.76 25.61 -19.69
CA LEU B 78 -1.72 26.46 -19.01
C LEU B 78 -3.16 26.24 -19.47
N GLN B 79 -4.07 26.14 -18.51
CA GLN B 79 -5.49 25.97 -18.79
C GLN B 79 -6.24 27.19 -18.26
N PRO B 80 -7.43 27.49 -18.80
CA PRO B 80 -8.17 28.68 -18.34
C PRO B 80 -8.40 28.74 -16.84
N GLU B 81 -8.67 27.57 -16.22
CA GLU B 81 -8.89 27.49 -14.78
C GLU B 81 -7.65 27.73 -13.94
N ASP B 82 -6.46 27.80 -14.55
CA ASP B 82 -5.23 28.05 -13.81
C ASP B 82 -5.04 29.50 -13.40
N PHE B 83 -6.02 30.38 -13.69
CA PHE B 83 -6.02 31.78 -13.29
C PHE B 83 -6.07 31.79 -11.77
N ALA B 84 -5.02 32.30 -11.13
CA ALA B 84 -4.89 32.27 -9.67
C ALA B 84 -3.56 32.96 -9.22
N THR B 85 -3.36 33.16 -7.91
CA THR B 85 -2.11 33.66 -7.39
C THR B 85 -1.41 32.46 -6.76
N TYR B 86 -0.14 32.23 -7.09
CA TYR B 86 0.60 31.09 -6.58
C TYR B 86 1.58 31.56 -5.54
N TYR B 87 1.64 30.89 -4.39
CA TYR B 87 2.58 31.26 -3.34
C TYR B 87 3.51 30.12 -3.00
N CYS B 88 4.79 30.42 -2.76
CA CYS B 88 5.71 29.43 -2.25
C CYS B 88 5.78 29.65 -0.72
N GLN B 89 6.18 28.61 0.02
CA GLN B 89 6.23 28.71 1.48
C GLN B 89 7.34 27.83 1.97
N GLN B 90 8.15 28.33 2.92
CA GLN B 90 9.18 27.50 3.51
C GLN B 90 8.78 27.14 4.93
N THR B 91 8.99 25.87 5.31
CA THR B 91 8.73 25.43 6.69
C THR B 91 10.00 24.97 7.39
N TRP B 92 11.19 25.22 6.78
CA TRP B 92 12.47 24.83 7.31
C TRP B 92 12.77 25.45 8.66
N SER B 93 12.49 26.75 8.83
CA SER B 93 12.78 27.42 10.09
C SER B 93 11.71 28.41 10.48
N ASP B 94 11.60 28.63 11.78
CA ASP B 94 10.65 29.57 12.37
C ASP B 94 11.15 30.99 12.18
N PRO B 95 10.27 31.94 11.80
CA PRO B 95 8.86 31.75 11.45
C PRO B 95 8.68 31.27 10.02
N TRP B 96 7.61 30.50 9.76
CA TRP B 96 7.33 30.03 8.42
C TRP B 96 6.95 31.21 7.58
N THR B 97 7.57 31.34 6.41
CA THR B 97 7.34 32.49 5.55
C THR B 97 6.80 32.11 4.19
N PHE B 98 6.15 33.04 3.53
CA PHE B 98 5.62 32.83 2.18
C PHE B 98 6.26 33.81 1.20
N GLY B 99 6.27 33.46 -0.07
CA GLY B 99 6.67 34.40 -1.10
C GLY B 99 5.56 35.44 -1.26
N GLN B 100 5.84 36.53 -1.98
CA GLN B 100 4.85 37.61 -2.18
C GLN B 100 3.66 37.23 -3.09
N GLY B 101 3.79 36.12 -3.81
CA GLY B 101 2.79 35.62 -4.72
C GLY B 101 3.09 35.97 -6.15
N THR B 102 2.56 35.17 -7.07
CA THR B 102 2.68 35.43 -8.50
C THR B 102 1.28 35.33 -9.07
N LYS B 103 0.76 36.42 -9.65
CA LYS B 103 -0.58 36.40 -10.23
C LYS B 103 -0.46 35.88 -11.66
N VAL B 104 -1.25 34.89 -12.02
CA VAL B 104 -1.21 34.32 -13.37
C VAL B 104 -2.50 34.66 -14.09
N GLU B 105 -2.40 35.40 -15.20
CA GLU B 105 -3.54 35.82 -16.01
C GLU B 105 -3.50 35.11 -17.35
N ILE B 106 -4.66 34.92 -17.98
CA ILE B 106 -4.73 34.25 -19.28
C ILE B 106 -4.83 35.26 -20.41
N LYS B 107 -3.99 35.11 -21.43
CA LYS B 107 -3.98 35.88 -22.66
C LYS B 107 -4.95 35.12 -23.61
N ARG B 108 -5.84 35.84 -24.24
CA ARG B 108 -6.93 35.26 -25.01
C ARG B 108 -7.24 36.08 -26.29
N THR B 109 -8.12 35.55 -27.16
CA THR B 109 -8.55 36.30 -28.34
C THR B 109 -9.43 37.50 -27.90
N VAL B 110 -9.53 38.52 -28.75
CA VAL B 110 -10.30 39.72 -28.41
C VAL B 110 -11.82 39.45 -28.49
N ALA B 111 -12.57 39.90 -27.47
CA ALA B 111 -14.01 39.74 -27.42
C ALA B 111 -14.61 41.08 -27.11
N ALA B 112 -15.59 41.53 -27.90
CA ALA B 112 -16.22 42.84 -27.66
C ALA B 112 -17.20 42.77 -26.51
N PRO B 113 -17.29 43.84 -25.71
CA PRO B 113 -18.26 43.83 -24.59
C PRO B 113 -19.70 44.01 -25.07
N SER B 114 -20.65 43.49 -24.28
CA SER B 114 -22.08 43.65 -24.50
C SER B 114 -22.48 44.78 -23.57
N VAL B 115 -22.87 45.94 -24.12
CA VAL B 115 -23.14 47.09 -23.29
C VAL B 115 -24.60 47.22 -22.94
N PHE B 116 -24.88 47.46 -21.65
CA PHE B 116 -26.24 47.65 -21.14
C PHE B 116 -26.28 48.88 -20.25
N ILE B 117 -27.36 49.66 -20.34
CA ILE B 117 -27.53 50.82 -19.46
C ILE B 117 -28.76 50.64 -18.56
N PHE B 118 -28.67 51.12 -17.32
CA PHE B 118 -29.77 50.99 -16.39
C PHE B 118 -30.06 52.31 -15.77
N PRO B 119 -31.29 52.80 -15.90
CA PRO B 119 -31.64 54.05 -15.22
C PRO B 119 -31.81 53.81 -13.71
N PRO B 120 -31.70 54.87 -12.91
CA PRO B 120 -31.92 54.70 -11.46
C PRO B 120 -33.38 54.34 -11.19
N SER B 121 -33.61 53.52 -10.17
CA SER B 121 -34.96 53.12 -9.80
C SER B 121 -35.71 54.29 -9.18
N ASP B 122 -37.05 54.31 -9.29
CA ASP B 122 -37.84 55.35 -8.65
C ASP B 122 -37.71 55.29 -7.12
N GLU B 123 -37.49 54.08 -6.57
CA GLU B 123 -37.30 53.82 -5.15
C GLU B 123 -36.03 54.53 -4.66
N GLN B 124 -34.94 54.49 -5.45
CA GLN B 124 -33.70 55.18 -5.08
C GLN B 124 -33.89 56.68 -5.16
N LEU B 125 -34.55 57.15 -6.21
CA LEU B 125 -34.80 58.58 -6.40
C LEU B 125 -35.57 59.20 -5.23
N LYS B 126 -36.41 58.41 -4.57
CA LYS B 126 -37.14 58.84 -3.38
C LYS B 126 -36.21 59.15 -2.19
N SER B 127 -35.00 58.60 -2.19
CA SER B 127 -34.00 58.84 -1.15
C SER B 127 -33.07 60.05 -1.43
N GLY B 128 -33.15 60.64 -2.62
CA GLY B 128 -32.37 61.81 -2.95
C GLY B 128 -31.11 61.64 -3.78
N THR B 129 -30.84 60.43 -4.26
CA THR B 129 -29.66 60.18 -5.08
C THR B 129 -30.04 59.37 -6.32
N ALA B 130 -29.30 59.56 -7.42
CA ALA B 130 -29.54 58.80 -8.63
C ALA B 130 -28.26 58.10 -9.04
N SER B 131 -28.34 56.79 -9.26
CA SER B 131 -27.19 56.01 -9.67
C SER B 131 -27.52 55.43 -11.03
N VAL B 132 -26.72 55.77 -12.03
CA VAL B 132 -26.92 55.28 -13.38
C VAL B 132 -25.83 54.24 -13.64
N VAL B 133 -26.19 53.00 -14.00
CA VAL B 133 -25.20 51.95 -14.20
C VAL B 133 -25.01 51.53 -15.66
N CYS B 134 -23.76 51.43 -16.09
CA CYS B 134 -23.39 50.98 -17.43
C CYS B 134 -22.65 49.65 -17.23
N LEU B 135 -23.07 48.60 -17.91
CA LEU B 135 -22.48 47.28 -17.78
C LEU B 135 -21.79 46.88 -19.08
N LEU B 136 -20.55 46.41 -18.98
CA LEU B 136 -19.78 45.91 -20.11
C LEU B 136 -19.67 44.45 -19.84
N ASN B 137 -20.35 43.64 -20.61
CA ASN B 137 -20.44 42.22 -20.33
C ASN B 137 -19.55 41.31 -21.17
N ASN B 138 -18.77 40.48 -20.44
CA ASN B 138 -17.90 39.43 -20.90
C ASN B 138 -17.02 39.81 -22.12
N PHE B 139 -16.05 40.72 -21.89
CA PHE B 139 -15.10 41.19 -22.90
C PHE B 139 -13.61 40.77 -22.63
N TYR B 140 -12.73 40.99 -23.61
CA TYR B 140 -11.28 40.73 -23.47
C TYR B 140 -10.58 41.59 -24.52
N PRO B 141 -9.48 42.34 -24.19
CA PRO B 141 -8.78 42.47 -22.90
C PRO B 141 -9.51 43.32 -21.87
N ARG B 142 -8.93 43.44 -20.67
CA ARG B 142 -9.50 44.21 -19.57
C ARG B 142 -9.54 45.71 -19.85
N GLU B 143 -8.61 46.22 -20.68
CA GLU B 143 -8.59 47.65 -20.99
C GLU B 143 -9.80 48.12 -21.80
N ALA B 144 -10.61 48.97 -21.20
CA ALA B 144 -11.79 49.54 -21.82
C ALA B 144 -11.98 50.96 -21.32
N LYS B 145 -12.58 51.81 -22.14
CA LYS B 145 -12.84 53.19 -21.78
C LYS B 145 -14.33 53.45 -21.72
N VAL B 146 -14.83 53.95 -20.59
CA VAL B 146 -16.24 54.29 -20.47
C VAL B 146 -16.35 55.78 -20.22
N GLN B 147 -17.11 56.49 -21.06
CA GLN B 147 -17.32 57.92 -20.87
C GLN B 147 -18.79 58.21 -20.70
N TRP B 148 -19.15 58.92 -19.63
CA TRP B 148 -20.52 59.27 -19.38
C TRP B 148 -20.81 60.62 -19.97
N LYS B 149 -21.96 60.74 -20.66
CA LYS B 149 -22.39 62.00 -21.27
C LYS B 149 -23.81 62.34 -20.83
N VAL B 150 -23.97 63.48 -20.17
CA VAL B 150 -25.27 63.95 -19.70
C VAL B 150 -25.72 65.13 -20.59
N ASP B 151 -26.57 64.83 -21.60
CA ASP B 151 -27.06 65.75 -22.63
C ASP B 151 -25.92 66.15 -23.58
N ASN B 152 -24.99 65.21 -23.85
CA ASN B 152 -23.79 65.36 -24.68
C ASN B 152 -22.61 66.06 -23.96
N ALA B 153 -22.78 66.44 -22.70
CA ALA B 153 -21.69 67.02 -21.92
C ALA B 153 -20.92 65.86 -21.29
N LEU B 154 -19.61 65.81 -21.53
CA LEU B 154 -18.77 64.75 -20.98
C LEU B 154 -18.56 64.95 -19.48
N GLN B 155 -18.83 63.91 -18.69
CA GLN B 155 -18.70 63.92 -17.23
C GLN B 155 -17.31 63.52 -16.78
N SER B 156 -16.91 64.00 -15.60
CA SER B 156 -15.62 63.66 -15.02
C SER B 156 -15.69 63.77 -13.50
N GLY B 157 -15.12 62.79 -12.81
CA GLY B 157 -15.05 62.78 -11.35
C GLY B 157 -16.33 62.43 -10.61
N ASN B 158 -17.35 61.96 -11.32
CA ASN B 158 -18.62 61.58 -10.69
C ASN B 158 -19.03 60.12 -10.98
N SER B 159 -18.07 59.27 -11.35
CA SER B 159 -18.35 57.86 -11.61
C SER B 159 -17.27 56.95 -11.03
N GLN B 160 -17.62 55.67 -10.77
CA GLN B 160 -16.70 54.68 -10.22
C GLN B 160 -16.80 53.38 -11.01
N GLU B 161 -15.65 52.77 -11.30
CA GLU B 161 -15.61 51.52 -12.04
C GLU B 161 -15.32 50.34 -11.13
N SER B 162 -15.81 49.16 -11.50
CA SER B 162 -15.58 47.93 -10.78
C SER B 162 -15.41 46.83 -11.79
N VAL B 163 -14.38 46.00 -11.66
CA VAL B 163 -14.10 44.95 -12.66
C VAL B 163 -14.11 43.58 -12.01
N THR B 164 -14.75 42.58 -12.65
CA THR B 164 -14.73 41.23 -12.10
C THR B 164 -13.36 40.58 -12.34
N GLU B 165 -13.05 39.53 -11.57
CA GLU B 165 -11.83 38.78 -11.82
C GLU B 165 -12.08 37.95 -13.11
N GLN B 166 -11.00 37.63 -13.82
CA GLN B 166 -11.05 36.86 -15.06
C GLN B 166 -11.83 35.56 -14.91
N ASP B 167 -12.80 35.30 -15.82
CA ASP B 167 -13.62 34.07 -15.75
C ASP B 167 -12.74 32.83 -15.87
N SER B 168 -12.97 31.83 -15.01
CA SER B 168 -12.18 30.60 -15.04
C SER B 168 -12.50 29.66 -16.20
N LYS B 169 -13.47 30.02 -17.07
CA LYS B 169 -13.84 29.21 -18.22
C LYS B 169 -13.48 29.89 -19.53
N ASP B 170 -14.05 31.10 -19.81
CA ASP B 170 -13.77 31.79 -21.07
C ASP B 170 -12.74 32.94 -20.95
N SER B 171 -12.17 33.16 -19.76
CA SER B 171 -11.11 34.14 -19.51
C SER B 171 -11.48 35.58 -19.80
N THR B 172 -12.75 35.94 -19.68
CA THR B 172 -13.22 37.30 -19.96
C THR B 172 -13.47 38.12 -18.69
N TYR B 173 -13.57 39.44 -18.82
CA TYR B 173 -13.85 40.35 -17.72
C TYR B 173 -15.26 40.95 -17.90
N SER B 174 -15.75 41.59 -16.87
CA SER B 174 -17.01 42.33 -16.90
C SER B 174 -16.78 43.59 -16.05
N LEU B 175 -17.35 44.71 -16.47
CA LEU B 175 -17.11 45.97 -15.82
C LEU B 175 -18.39 46.74 -15.58
N SER B 176 -18.51 47.39 -14.43
CA SER B 176 -19.65 48.23 -14.15
C SER B 176 -19.14 49.63 -13.90
N SER B 177 -19.72 50.61 -14.57
CA SER B 177 -19.39 52.03 -14.37
C SER B 177 -20.65 52.64 -13.77
N THR B 178 -20.53 53.33 -12.63
CA THR B 178 -21.69 53.90 -11.98
C THR B 178 -21.59 55.41 -11.82
N LEU B 179 -22.48 56.15 -12.50
CA LEU B 179 -22.56 57.61 -12.46
C LEU B 179 -23.49 58.02 -11.33
N THR B 180 -22.95 58.71 -10.32
CA THR B 180 -23.75 59.12 -9.17
C THR B 180 -24.01 60.61 -9.17
N LEU B 181 -25.29 60.99 -9.22
CA LEU B 181 -25.74 62.38 -9.22
C LEU B 181 -26.76 62.59 -8.13
N SER B 182 -26.95 63.85 -7.72
CA SER B 182 -28.01 64.15 -6.76
C SER B 182 -29.35 64.05 -7.52
N LYS B 183 -30.47 63.84 -6.82
CA LYS B 183 -31.78 63.75 -7.45
C LYS B 183 -32.08 65.05 -8.21
N ALA B 184 -31.70 66.20 -7.64
CA ALA B 184 -31.87 67.52 -8.25
C ALA B 184 -31.11 67.61 -9.56
N ASP B 185 -29.83 67.18 -9.58
CA ASP B 185 -29.03 67.20 -10.81
C ASP B 185 -29.59 66.24 -11.84
N TYR B 186 -30.08 65.08 -11.40
CA TYR B 186 -30.66 64.09 -12.28
C TYR B 186 -31.90 64.65 -12.97
N GLU B 187 -32.79 65.34 -12.24
CA GLU B 187 -34.01 65.89 -12.83
C GLU B 187 -33.78 67.06 -13.77
N LYS B 188 -32.60 67.68 -13.72
CA LYS B 188 -32.31 68.82 -14.57
C LYS B 188 -32.12 68.42 -16.03
N HIS B 189 -31.50 67.28 -16.27
CA HIS B 189 -31.18 66.86 -17.63
C HIS B 189 -32.05 65.73 -18.17
N LYS B 190 -32.04 65.50 -19.50
CA LYS B 190 -32.87 64.44 -20.10
C LYS B 190 -32.12 63.20 -20.58
N VAL B 191 -31.14 63.37 -21.51
CA VAL B 191 -30.38 62.27 -22.12
C VAL B 191 -29.17 61.81 -21.27
N TYR B 192 -29.16 60.53 -20.87
CA TYR B 192 -28.05 59.95 -20.09
C TYR B 192 -27.46 58.86 -20.93
N ALA B 193 -26.16 58.96 -21.24
CA ALA B 193 -25.52 58.00 -22.13
C ALA B 193 -24.14 57.51 -21.66
N CYS B 194 -23.75 56.27 -22.04
CA CYS B 194 -22.42 55.79 -21.76
C CYS B 194 -21.76 55.27 -23.05
N GLU B 195 -20.64 55.90 -23.39
CA GLU B 195 -19.89 55.61 -24.60
C GLU B 195 -18.72 54.69 -24.28
N VAL B 196 -18.75 53.51 -24.85
CA VAL B 196 -17.75 52.49 -24.62
C VAL B 196 -16.76 52.35 -25.76
N THR B 197 -15.47 52.45 -25.44
CA THR B 197 -14.36 52.31 -26.39
C THR B 197 -13.56 51.07 -26.01
N HIS B 198 -13.46 50.09 -26.91
CA HIS B 198 -12.76 48.85 -26.64
C HIS B 198 -12.12 48.29 -27.91
N GLN B 199 -11.02 47.53 -27.76
CA GLN B 199 -10.29 46.92 -28.87
C GLN B 199 -11.18 46.09 -29.80
N GLY B 200 -12.20 45.46 -29.22
CA GLY B 200 -13.14 44.63 -29.98
C GLY B 200 -14.25 45.37 -30.69
N LEU B 201 -14.33 46.69 -30.52
CA LEU B 201 -15.37 47.49 -31.16
C LEU B 201 -14.78 48.27 -32.34
N SER B 202 -15.41 48.17 -33.53
CA SER B 202 -14.98 48.92 -34.72
C SER B 202 -15.16 50.43 -34.48
N SER B 203 -16.26 50.80 -33.81
CA SER B 203 -16.59 52.16 -33.45
C SER B 203 -17.18 52.11 -32.04
N PRO B 204 -17.01 53.20 -31.26
CA PRO B 204 -17.54 53.18 -29.88
C PRO B 204 -19.05 52.98 -29.82
N VAL B 205 -19.52 52.25 -28.82
CA VAL B 205 -20.93 51.94 -28.65
C VAL B 205 -21.54 52.85 -27.61
N THR B 206 -22.68 53.44 -27.92
CA THR B 206 -23.37 54.30 -26.96
C THR B 206 -24.72 53.71 -26.60
N LYS B 207 -24.95 53.49 -25.32
CA LYS B 207 -26.25 53.05 -24.85
C LYS B 207 -26.80 54.21 -24.05
N SER B 208 -28.04 54.61 -24.35
CA SER B 208 -28.62 55.76 -23.68
C SER B 208 -30.11 55.62 -23.40
N PHE B 209 -30.63 56.49 -22.53
CA PHE B 209 -32.05 56.54 -22.23
C PHE B 209 -32.49 57.98 -22.02
N ASN B 210 -33.78 58.22 -22.19
CA ASN B 210 -34.35 59.54 -21.92
C ASN B 210 -35.02 59.43 -20.56
N ARG B 211 -34.71 60.36 -19.64
CA ARG B 211 -35.30 60.35 -18.29
C ARG B 211 -36.82 60.40 -18.36
N GLY B 212 -37.45 59.32 -17.93
CA GLY B 212 -38.90 59.18 -18.01
C GLY B 212 -39.32 58.67 -19.37
N GLU B 213 -39.03 57.39 -19.65
CA GLU B 213 -39.36 56.71 -20.91
C GLU B 213 -39.25 55.20 -20.72
N GLU C 1 -1.83 -19.23 -5.36
CA GLU C 1 -0.79 -20.08 -4.82
C GLU C 1 0.14 -20.63 -5.91
N VAL C 2 1.45 -20.41 -5.75
CA VAL C 2 2.42 -20.91 -6.72
C VAL C 2 2.58 -22.41 -6.50
N GLN C 3 2.55 -23.18 -7.59
CA GLN C 3 2.74 -24.62 -7.51
C GLN C 3 3.71 -25.10 -8.57
N LEU C 4 4.70 -25.90 -8.16
CA LEU C 4 5.70 -26.48 -9.04
C LEU C 4 5.62 -27.98 -8.85
N VAL C 5 5.37 -28.75 -9.92
CA VAL C 5 5.23 -30.21 -9.79
C VAL C 5 6.20 -30.93 -10.69
N GLU C 6 7.10 -31.72 -10.11
CA GLU C 6 8.09 -32.46 -10.87
C GLU C 6 7.74 -33.90 -11.17
N SER C 7 8.33 -34.40 -12.24
CA SER C 7 8.16 -35.79 -12.62
C SER C 7 9.39 -36.24 -13.44
N GLY C 8 9.47 -37.53 -13.68
CA GLY C 8 10.53 -38.08 -14.51
C GLY C 8 11.64 -38.79 -13.79
N GLY C 9 11.78 -38.52 -12.49
CA GLY C 9 12.83 -39.14 -11.70
C GLY C 9 12.62 -40.63 -11.60
N GLY C 10 13.71 -41.36 -11.76
CA GLY C 10 13.66 -42.81 -11.66
C GLY C 10 15.04 -43.41 -11.67
N LEU C 11 15.09 -44.74 -11.82
CA LEU C 11 16.34 -45.48 -11.88
C LEU C 11 16.86 -45.38 -13.30
N VAL C 12 18.13 -45.04 -13.43
CA VAL C 12 18.77 -44.94 -14.74
C VAL C 12 20.15 -45.53 -14.64
N GLN C 13 20.53 -46.35 -15.61
CA GLN C 13 21.83 -47.00 -15.61
C GLN C 13 22.94 -45.98 -15.82
N PRO C 14 24.13 -46.24 -15.26
CA PRO C 14 25.26 -45.32 -15.48
C PRO C 14 25.53 -45.10 -16.97
N GLY C 15 25.81 -43.87 -17.34
CA GLY C 15 26.04 -43.52 -18.73
C GLY C 15 24.75 -43.25 -19.51
N GLY C 16 23.60 -43.55 -18.90
CA GLY C 16 22.27 -43.38 -19.51
C GLY C 16 21.74 -41.96 -19.51
N SER C 17 20.46 -41.81 -19.90
CA SER C 17 19.79 -40.51 -19.99
C SER C 17 18.42 -40.49 -19.37
N LEU C 18 18.06 -39.33 -18.84
CA LEU C 18 16.76 -39.12 -18.22
C LEU C 18 16.34 -37.66 -18.43
N ARG C 19 15.03 -37.40 -18.61
CA ARG C 19 14.55 -36.03 -18.74
C ARG C 19 13.59 -35.73 -17.61
N LEU C 20 13.90 -34.70 -16.82
CA LEU C 20 13.04 -34.28 -15.72
C LEU C 20 12.13 -33.15 -16.17
N SER C 21 10.91 -33.09 -15.65
CA SER C 21 9.96 -32.05 -16.04
C SER C 21 9.33 -31.42 -14.82
N CYS C 22 9.03 -30.12 -14.90
CA CYS C 22 8.45 -29.37 -13.81
C CYS C 22 7.30 -28.56 -14.35
N ALA C 23 6.06 -28.86 -13.91
CA ALA C 23 4.88 -28.13 -14.35
C ALA C 23 4.61 -26.99 -13.38
N ALA C 24 4.57 -25.76 -13.89
CA ALA C 24 4.36 -24.57 -13.07
C ALA C 24 2.97 -23.99 -13.21
N SER C 25 2.45 -23.43 -12.11
CA SER C 25 1.14 -22.79 -12.07
C SER C 25 1.08 -21.75 -10.95
N GLY C 26 0.15 -20.82 -11.06
CA GLY C 26 -0.03 -19.79 -10.03
C GLY C 26 0.76 -18.52 -10.23
N PHE C 27 1.50 -18.41 -11.34
CA PHE C 27 2.28 -17.23 -11.66
C PHE C 27 2.54 -17.15 -13.17
N THR C 28 3.03 -15.99 -13.66
CA THR C 28 3.38 -15.83 -15.06
C THR C 28 4.75 -16.44 -15.27
N PHE C 29 4.78 -17.72 -15.58
CA PHE C 29 5.97 -18.51 -15.80
C PHE C 29 6.96 -17.85 -16.76
N SER C 30 6.45 -17.29 -17.85
CA SER C 30 7.27 -16.64 -18.86
C SER C 30 7.96 -15.35 -18.38
N ASP C 31 7.63 -14.86 -17.18
CA ASP C 31 8.23 -13.65 -16.61
C ASP C 31 9.46 -13.95 -15.75
N TYR C 32 9.69 -15.22 -15.38
CA TYR C 32 10.75 -15.54 -14.44
C TYR C 32 11.80 -16.53 -14.89
N ASN C 33 13.03 -16.34 -14.38
CA ASN C 33 14.12 -17.26 -14.62
C ASN C 33 13.83 -18.47 -13.75
N MET C 34 14.11 -19.66 -14.25
CA MET C 34 13.86 -20.90 -13.50
C MET C 34 15.14 -21.68 -13.25
N ALA C 35 15.21 -22.44 -12.16
CA ALA C 35 16.42 -23.19 -11.83
C ALA C 35 16.13 -24.62 -11.34
N TRP C 36 17.15 -25.48 -11.42
CA TRP C 36 17.12 -26.83 -10.88
C TRP C 36 18.19 -26.85 -9.81
N VAL C 37 17.82 -27.35 -8.62
CA VAL C 37 18.68 -27.50 -7.45
C VAL C 37 18.59 -28.97 -7.06
N ARG C 38 19.70 -29.62 -6.69
CA ARG C 38 19.67 -31.02 -6.32
C ARG C 38 20.20 -31.28 -4.91
N GLN C 39 19.85 -32.45 -4.34
CA GLN C 39 20.32 -32.81 -3.02
C GLN C 39 20.64 -34.28 -2.99
N ALA C 40 21.94 -34.63 -2.90
CA ALA C 40 22.35 -36.04 -2.84
C ALA C 40 21.86 -36.64 -1.53
N PRO C 41 21.52 -37.94 -1.50
CA PRO C 41 20.98 -38.52 -0.25
C PRO C 41 21.85 -38.27 0.98
N GLY C 42 21.27 -37.59 1.97
CA GLY C 42 21.96 -37.21 3.20
C GLY C 42 22.98 -36.10 3.07
N LYS C 43 22.87 -35.31 2.01
CA LYS C 43 23.80 -34.21 1.76
C LYS C 43 23.05 -32.86 1.65
N GLY C 44 23.77 -31.78 1.41
CA GLY C 44 23.18 -30.45 1.30
C GLY C 44 22.63 -30.10 -0.07
N LEU C 45 22.14 -28.87 -0.17
CA LEU C 45 21.57 -28.35 -1.41
C LEU C 45 22.68 -27.92 -2.35
N GLU C 46 22.49 -28.14 -3.65
CA GLU C 46 23.51 -27.82 -4.64
C GLU C 46 22.83 -27.30 -5.91
N TRP C 47 23.10 -26.05 -6.29
CA TRP C 47 22.52 -25.50 -7.50
C TRP C 47 23.06 -26.25 -8.73
N VAL C 48 22.16 -26.57 -9.70
CA VAL C 48 22.52 -27.33 -10.90
C VAL C 48 22.52 -26.49 -12.17
N ALA C 49 21.41 -25.78 -12.47
CA ALA C 49 21.32 -25.01 -13.70
C ALA C 49 20.26 -23.92 -13.59
N THR C 50 20.41 -22.82 -14.38
CA THR C 50 19.43 -21.72 -14.45
C THR C 50 19.14 -21.41 -15.92
N ILE C 51 17.89 -21.05 -16.25
CA ILE C 51 17.49 -20.66 -17.59
C ILE C 51 16.68 -19.38 -17.48
N THR C 52 16.95 -18.40 -18.35
CA THR C 52 16.25 -17.13 -18.28
C THR C 52 14.80 -17.25 -18.77
N TYR C 53 13.97 -16.25 -18.40
CA TYR C 53 12.54 -16.17 -18.62
C TYR C 53 12.08 -16.53 -20.03
N GLU C 54 12.87 -16.17 -21.07
CA GLU C 54 12.47 -16.53 -22.43
C GLU C 54 13.43 -17.53 -23.10
N GLY C 55 14.16 -18.30 -22.30
CA GLY C 55 15.08 -19.36 -22.71
C GLY C 55 16.29 -18.93 -23.49
N ARG C 56 16.58 -17.62 -23.55
CA ARG C 56 17.69 -17.14 -24.34
C ARG C 56 19.06 -17.38 -23.70
N ASN C 57 19.13 -17.54 -22.37
CA ASN C 57 20.41 -17.75 -21.70
C ASN C 57 20.33 -18.90 -20.70
N THR C 58 21.36 -19.76 -20.67
CA THR C 58 21.46 -20.89 -19.74
C THR C 58 22.79 -20.88 -19.00
N TYR C 59 22.77 -21.33 -17.74
CA TYR C 59 23.93 -21.36 -16.85
C TYR C 59 23.98 -22.72 -16.15
N TYR C 60 25.18 -23.32 -15.97
CA TYR C 60 25.29 -24.65 -15.37
C TYR C 60 26.40 -24.75 -14.36
N ARG C 61 26.22 -25.68 -13.41
CA ARG C 61 27.22 -26.09 -12.43
C ARG C 61 28.35 -26.77 -13.24
N ASP C 62 29.61 -26.50 -12.91
CA ASP C 62 30.75 -27.07 -13.65
C ASP C 62 30.67 -28.57 -13.87
N SER C 63 30.31 -29.33 -12.84
CA SER C 63 30.25 -30.79 -12.95
C SER C 63 29.19 -31.32 -13.92
N VAL C 64 28.18 -30.51 -14.29
CA VAL C 64 27.14 -30.98 -15.20
C VAL C 64 27.21 -30.37 -16.59
N LYS C 65 28.14 -29.43 -16.82
CA LYS C 65 28.29 -28.74 -18.09
C LYS C 65 28.59 -29.73 -19.18
N GLY C 66 27.83 -29.66 -20.28
CA GLY C 66 28.00 -30.57 -21.41
C GLY C 66 27.20 -31.85 -21.30
N ARG C 67 26.78 -32.22 -20.09
CA ARG C 67 25.99 -33.42 -19.86
C ARG C 67 24.52 -33.07 -19.70
N PHE C 68 24.22 -31.94 -19.03
CA PHE C 68 22.84 -31.55 -18.78
C PHE C 68 22.41 -30.39 -19.67
N THR C 69 21.12 -30.34 -20.03
CA THR C 69 20.55 -29.24 -20.80
C THR C 69 19.25 -28.79 -20.14
N ILE C 70 19.20 -27.52 -19.74
CA ILE C 70 18.01 -26.96 -19.15
C ILE C 70 17.22 -26.31 -20.27
N SER C 71 15.93 -26.58 -20.33
CA SER C 71 15.06 -26.00 -21.36
C SER C 71 13.70 -25.63 -20.77
N ARG C 72 12.87 -24.90 -21.52
CA ARG C 72 11.54 -24.55 -21.04
C ARG C 72 10.58 -24.39 -22.22
N ASP C 73 9.30 -24.60 -21.94
CA ASP C 73 8.27 -24.39 -22.95
C ASP C 73 7.30 -23.46 -22.26
N ASN C 74 7.44 -22.15 -22.51
CA ASN C 74 6.57 -21.17 -21.88
C ASN C 74 5.10 -21.37 -22.21
N ALA C 75 4.78 -21.93 -23.39
CA ALA C 75 3.40 -22.18 -23.78
C ALA C 75 2.78 -23.30 -22.93
N LYS C 76 3.59 -24.29 -22.53
CA LYS C 76 3.09 -25.37 -21.69
C LYS C 76 3.39 -25.15 -20.20
N ASN C 77 3.92 -23.96 -19.82
CA ASN C 77 4.28 -23.59 -18.46
C ASN C 77 5.15 -24.66 -17.81
N SER C 78 6.14 -25.21 -18.55
CA SER C 78 6.98 -26.27 -18.00
C SER C 78 8.47 -26.07 -18.23
N LEU C 79 9.24 -26.57 -17.27
CA LEU C 79 10.70 -26.51 -17.22
C LEU C 79 11.23 -27.92 -17.39
N TYR C 80 12.35 -28.10 -18.09
CA TYR C 80 12.92 -29.42 -18.31
C TYR C 80 14.39 -29.51 -17.94
N LEU C 81 14.85 -30.71 -17.62
CA LEU C 81 16.26 -30.96 -17.39
C LEU C 81 16.64 -32.25 -18.08
N GLN C 82 17.30 -32.13 -19.23
CA GLN C 82 17.76 -33.30 -19.97
C GLN C 82 19.12 -33.71 -19.39
N MET C 83 19.20 -34.88 -18.81
CA MET C 83 20.43 -35.35 -18.18
C MET C 83 21.05 -36.47 -18.98
N ASN C 84 22.28 -36.29 -19.47
CA ASN C 84 22.99 -37.34 -20.22
C ASN C 84 24.29 -37.77 -19.51
N SER C 85 24.85 -38.92 -19.90
CA SER C 85 26.09 -39.46 -19.33
C SER C 85 26.08 -39.48 -17.80
N LEU C 86 24.98 -40.00 -17.24
CA LEU C 86 24.74 -40.01 -15.80
C LEU C 86 25.77 -40.80 -14.99
N ARG C 87 26.23 -40.20 -13.88
CA ARG C 87 27.23 -40.76 -12.97
C ARG C 87 26.65 -40.89 -11.55
N ALA C 88 27.42 -41.49 -10.62
CA ALA C 88 27.02 -41.64 -9.22
C ALA C 88 26.74 -40.28 -8.57
N GLU C 89 27.55 -39.25 -8.85
CA GLU C 89 27.34 -37.91 -8.29
C GLU C 89 25.96 -37.31 -8.65
N ASP C 90 25.30 -37.87 -9.69
CA ASP C 90 24.00 -37.35 -10.12
C ASP C 90 22.83 -37.98 -9.37
N THR C 91 23.06 -39.02 -8.53
CA THR C 91 21.98 -39.59 -7.72
C THR C 91 21.63 -38.56 -6.67
N ALA C 92 20.40 -38.02 -6.76
CA ALA C 92 19.97 -36.94 -5.89
C ALA C 92 18.47 -36.69 -6.08
N VAL C 93 17.85 -35.93 -5.17
CA VAL C 93 16.49 -35.46 -5.36
C VAL C 93 16.65 -34.13 -6.10
N TYR C 94 15.97 -33.96 -7.22
CA TYR C 94 16.05 -32.75 -8.02
C TYR C 94 14.81 -31.92 -7.82
N TYR C 95 15.00 -30.66 -7.44
CA TYR C 95 13.94 -29.68 -7.23
C TYR C 95 13.99 -28.60 -8.31
N CYS C 96 12.81 -28.11 -8.73
CA CYS C 96 12.76 -26.96 -9.62
C CYS C 96 12.35 -25.82 -8.70
N ALA C 97 13.04 -24.68 -8.82
CA ALA C 97 12.79 -23.55 -7.97
C ALA C 97 12.56 -22.29 -8.75
N SER C 98 11.67 -21.43 -8.26
CA SER C 98 11.30 -20.18 -8.92
C SER C 98 11.57 -18.94 -8.03
N PRO C 99 11.75 -17.76 -8.63
CA PRO C 99 12.04 -16.57 -7.83
C PRO C 99 10.81 -15.94 -7.18
N PRO C 100 10.99 -14.93 -6.29
CA PRO C 100 9.83 -14.22 -5.73
C PRO C 100 9.06 -13.44 -6.82
N GLN C 101 7.73 -13.27 -6.66
CA GLN C 101 6.92 -12.60 -7.69
C GLN C 101 6.84 -11.09 -7.56
N TYR C 102 7.27 -10.55 -6.42
N TYR C 102 7.24 -10.51 -6.41
CA TYR C 102 7.20 -9.12 -6.14
CA TYR C 102 7.13 -9.06 -6.22
C TYR C 102 8.49 -8.36 -6.45
C TYR C 102 8.44 -8.31 -6.55
N TYR C 103 9.31 -8.92 -7.37
CA TYR C 103 10.58 -8.36 -7.86
C TYR C 103 10.59 -8.53 -9.36
N GLU C 104 11.29 -7.65 -10.07
CA GLU C 104 11.37 -7.78 -11.52
C GLU C 104 12.17 -9.03 -11.94
N GLY C 105 11.62 -9.80 -12.87
CA GLY C 105 12.27 -11.01 -13.38
C GLY C 105 13.58 -10.77 -14.12
N SER C 106 13.91 -9.51 -14.40
CA SER C 106 15.17 -9.16 -15.05
C SER C 106 16.34 -9.16 -14.05
N ILE C 107 16.05 -9.27 -12.73
CA ILE C 107 17.06 -9.33 -11.68
C ILE C 107 17.55 -10.78 -11.65
N TYR C 108 18.78 -11.00 -12.08
CA TYR C 108 19.34 -12.35 -12.16
C TYR C 108 19.60 -12.94 -10.78
N ARG C 109 20.14 -12.15 -9.86
CA ARG C 109 20.55 -12.63 -8.55
C ARG C 109 19.42 -12.82 -7.50
N LEU C 110 18.24 -13.24 -7.94
CA LEU C 110 17.13 -13.50 -7.02
C LEU C 110 17.24 -14.89 -6.38
N TRP C 111 16.67 -15.01 -5.19
CA TRP C 111 16.63 -16.24 -4.42
C TRP C 111 15.50 -17.18 -4.92
N PHE C 112 15.33 -18.32 -4.25
CA PHE C 112 14.33 -19.30 -4.61
C PHE C 112 13.15 -19.20 -3.67
N ALA C 113 12.10 -18.46 -4.06
CA ALA C 113 10.93 -18.30 -3.20
C ALA C 113 9.98 -19.49 -3.20
N HIS C 114 9.99 -20.29 -4.27
CA HIS C 114 9.12 -21.44 -4.38
C HIS C 114 9.86 -22.65 -4.92
N TRP C 115 9.57 -23.85 -4.39
CA TRP C 115 10.24 -25.08 -4.80
C TRP C 115 9.21 -26.18 -5.08
N GLY C 116 9.53 -27.08 -5.99
CA GLY C 116 8.67 -28.23 -6.25
C GLY C 116 8.78 -29.25 -5.14
N GLN C 117 8.12 -30.41 -5.28
CA GLN C 117 8.18 -31.43 -4.21
C GLN C 117 9.49 -32.21 -4.22
N GLY C 118 10.13 -32.31 -5.38
CA GLY C 118 11.35 -33.05 -5.59
C GLY C 118 11.09 -34.36 -6.29
N THR C 119 11.98 -34.77 -7.19
CA THR C 119 11.88 -36.05 -7.92
C THR C 119 13.22 -36.77 -7.76
N LEU C 120 13.18 -38.04 -7.33
CA LEU C 120 14.43 -38.77 -7.06
C LEU C 120 15.00 -39.42 -8.30
N VAL C 121 16.29 -39.19 -8.58
CA VAL C 121 17.00 -39.81 -9.69
C VAL C 121 18.01 -40.75 -9.07
N THR C 122 17.95 -42.06 -9.41
CA THR C 122 18.88 -43.03 -8.86
C THR C 122 19.76 -43.55 -9.98
N VAL C 123 21.06 -43.31 -9.93
CA VAL C 123 21.97 -43.81 -10.96
C VAL C 123 22.60 -45.10 -10.48
N SER C 124 22.11 -46.22 -11.01
CA SER C 124 22.58 -47.52 -10.58
C SER C 124 22.40 -48.56 -11.66
N SER C 125 23.28 -49.54 -11.67
CA SER C 125 23.17 -50.65 -12.61
C SER C 125 22.31 -51.82 -12.03
N ALA C 126 21.85 -51.71 -10.75
CA ALA C 126 20.98 -52.71 -10.12
C ALA C 126 19.60 -52.68 -10.77
N SER C 127 18.88 -53.79 -10.69
CA SER C 127 17.58 -53.91 -11.34
C SER C 127 16.39 -53.53 -10.46
N THR C 128 15.28 -53.13 -11.10
CA THR C 128 14.06 -52.76 -10.39
C THR C 128 13.41 -54.02 -9.82
N LYS C 129 12.94 -53.94 -8.59
CA LYS C 129 12.22 -55.03 -7.96
C LYS C 129 11.11 -54.46 -7.10
N GLY C 130 9.91 -55.00 -7.25
CA GLY C 130 8.76 -54.57 -6.48
C GLY C 130 8.77 -55.21 -5.11
N PRO C 131 8.17 -54.56 -4.12
CA PRO C 131 8.19 -55.12 -2.76
C PRO C 131 7.11 -56.16 -2.48
N SER C 132 7.32 -56.95 -1.44
CA SER C 132 6.33 -57.87 -0.92
C SER C 132 5.80 -57.19 0.34
N VAL C 133 4.47 -57.20 0.53
CA VAL C 133 3.88 -56.55 1.70
C VAL C 133 3.29 -57.58 2.65
N PHE C 134 3.76 -57.58 3.89
CA PHE C 134 3.29 -58.54 4.87
C PHE C 134 2.73 -57.81 6.06
N PRO C 135 1.70 -58.36 6.71
CA PRO C 135 1.13 -57.69 7.88
C PRO C 135 2.00 -57.85 9.12
N LEU C 136 1.90 -56.87 10.01
CA LEU C 136 2.53 -56.88 11.33
C LEU C 136 1.30 -56.85 12.22
N ALA C 137 0.73 -58.02 12.50
CA ALA C 137 -0.54 -58.18 13.23
C ALA C 137 -0.44 -57.97 14.73
N PRO C 138 -1.42 -57.26 15.31
CA PRO C 138 -1.38 -57.01 16.75
C PRO C 138 -1.66 -58.25 17.60
N SER C 139 -1.20 -58.25 18.86
CA SER C 139 -1.46 -59.37 19.77
C SER C 139 -2.45 -59.00 20.88
N THR C 147 -3.86 -49.66 24.34
CA THR C 147 -3.34 -49.30 23.01
C THR C 147 -2.65 -50.47 22.31
N ALA C 148 -3.10 -50.79 21.09
CA ALA C 148 -2.50 -51.85 20.31
C ALA C 148 -1.71 -51.26 19.13
N ALA C 149 -0.70 -51.98 18.66
CA ALA C 149 0.10 -51.54 17.52
C ALA C 149 -0.01 -52.55 16.39
N LEU C 150 -0.08 -52.06 15.17
CA LEU C 150 -0.13 -52.91 13.99
C LEU C 150 0.62 -52.22 12.84
N GLY C 151 0.95 -52.96 11.78
CA GLY C 151 1.66 -52.37 10.67
C GLY C 151 1.82 -53.22 9.43
N CYS C 152 2.75 -52.81 8.58
CA CYS C 152 3.06 -53.47 7.32
C CYS C 152 4.53 -53.50 7.12
N LEU C 153 5.03 -54.64 6.73
CA LEU C 153 6.43 -54.82 6.41
C LEU C 153 6.51 -54.83 4.89
N VAL C 154 7.23 -53.86 4.31
CA VAL C 154 7.39 -53.69 2.88
C VAL C 154 8.80 -54.13 2.56
N LYS C 155 8.94 -55.38 2.13
CA LYS C 155 10.25 -55.99 1.99
C LYS C 155 10.73 -56.27 0.58
N ASP C 156 12.05 -56.10 0.38
CA ASP C 156 12.79 -56.44 -0.82
C ASP C 156 12.38 -55.65 -2.06
N TYR C 157 12.71 -54.36 -2.08
CA TYR C 157 12.42 -53.53 -3.25
C TYR C 157 13.61 -52.68 -3.71
N PHE C 158 13.57 -52.23 -4.96
CA PHE C 158 14.61 -51.37 -5.50
C PHE C 158 14.05 -50.67 -6.74
N PRO C 159 14.30 -49.36 -6.92
CA PRO C 159 15.03 -48.45 -6.02
C PRO C 159 14.07 -47.77 -5.02
N GLU C 160 14.54 -46.76 -4.29
CA GLU C 160 13.65 -45.94 -3.50
C GLU C 160 12.82 -45.07 -4.49
N PRO C 161 11.64 -44.55 -4.09
CA PRO C 161 10.99 -44.64 -2.78
C PRO C 161 9.73 -45.52 -2.74
N VAL C 162 9.20 -45.72 -1.55
CA VAL C 162 7.94 -46.41 -1.37
C VAL C 162 7.08 -45.46 -0.52
N THR C 163 5.78 -45.33 -0.87
CA THR C 163 4.87 -44.48 -0.09
C THR C 163 3.86 -45.38 0.63
N VAL C 164 3.61 -45.12 1.91
CA VAL C 164 2.63 -45.91 2.66
C VAL C 164 1.57 -45.02 3.28
N SER C 165 0.30 -45.30 3.00
CA SER C 165 -0.80 -44.58 3.63
C SER C 165 -1.68 -45.60 4.38
N TRP C 166 -2.57 -45.13 5.26
CA TRP C 166 -3.43 -46.03 6.00
C TRP C 166 -4.87 -45.65 5.78
N ASN C 167 -5.73 -46.64 5.46
CA ASN C 167 -7.14 -46.45 5.17
C ASN C 167 -7.38 -45.35 4.13
N SER C 168 -6.54 -45.34 3.08
CA SER C 168 -6.55 -44.39 1.97
C SER C 168 -6.30 -42.95 2.40
N GLY C 169 -5.49 -42.77 3.45
CA GLY C 169 -5.17 -41.45 3.97
C GLY C 169 -6.07 -40.95 5.08
N ALA C 170 -7.16 -41.69 5.38
CA ALA C 170 -8.11 -41.33 6.44
C ALA C 170 -7.48 -41.47 7.85
N LEU C 171 -6.53 -42.40 8.00
CA LEU C 171 -5.85 -42.64 9.26
C LEU C 171 -4.42 -42.08 9.19
N THR C 172 -4.18 -40.97 9.90
CA THR C 172 -2.87 -40.32 9.92
C THR C 172 -2.29 -40.25 11.33
N SER C 173 -3.16 -40.12 12.35
CA SER C 173 -2.73 -40.05 13.73
C SER C 173 -2.09 -41.36 14.21
N GLY C 174 -0.91 -41.26 14.79
CA GLY C 174 -0.20 -42.42 15.32
C GLY C 174 0.57 -43.26 14.32
N VAL C 175 0.67 -42.79 13.06
CA VAL C 175 1.38 -43.51 12.01
C VAL C 175 2.87 -43.20 12.04
N HIS C 176 3.70 -44.21 11.91
CA HIS C 176 5.14 -44.05 11.84
C HIS C 176 5.66 -44.86 10.67
N THR C 177 6.04 -44.22 9.56
CA THR C 177 6.61 -44.94 8.43
C THR C 177 8.12 -44.77 8.51
N PHE C 178 8.83 -45.86 8.80
CA PHE C 178 10.27 -45.81 8.99
C PHE C 178 11.08 -45.61 7.73
N PRO C 179 12.27 -44.98 7.85
CA PRO C 179 13.17 -44.90 6.70
C PRO C 179 13.58 -46.31 6.25
N ALA C 180 13.70 -46.52 4.93
CA ALA C 180 14.10 -47.82 4.41
C ALA C 180 15.51 -48.16 4.80
N VAL C 181 15.79 -49.45 4.97
CA VAL C 181 17.14 -49.89 5.25
C VAL C 181 17.62 -50.73 4.08
N LEU C 182 18.86 -50.52 3.68
CA LEU C 182 19.45 -51.30 2.61
C LEU C 182 19.97 -52.62 3.21
N GLN C 183 19.32 -53.72 2.85
CA GLN C 183 19.72 -55.04 3.34
C GLN C 183 21.01 -55.52 2.68
N SER C 184 21.67 -56.51 3.30
CA SER C 184 22.89 -57.10 2.74
C SER C 184 22.66 -57.65 1.31
N SER C 185 21.39 -57.96 0.96
CA SER C 185 20.97 -58.44 -0.36
C SER C 185 21.05 -57.37 -1.46
N GLY C 186 21.16 -56.11 -1.07
CA GLY C 186 21.16 -54.99 -2.00
C GLY C 186 19.76 -54.41 -2.23
N LEU C 187 18.74 -54.97 -1.56
CA LEU C 187 17.36 -54.53 -1.66
C LEU C 187 16.94 -53.79 -0.41
N TYR C 188 15.97 -52.90 -0.53
CA TYR C 188 15.48 -52.12 0.58
C TYR C 188 14.34 -52.81 1.29
N SER C 189 14.07 -52.37 2.51
CA SER C 189 12.98 -52.88 3.30
C SER C 189 12.59 -51.83 4.31
N LEU C 190 11.29 -51.69 4.58
CA LEU C 190 10.83 -50.75 5.59
C LEU C 190 9.56 -51.24 6.27
N SER C 191 9.25 -50.71 7.45
CA SER C 191 8.01 -51.02 8.13
C SER C 191 7.22 -49.73 8.34
N SER C 192 5.90 -49.83 8.32
CA SER C 192 5.03 -48.68 8.60
C SER C 192 4.08 -49.16 9.68
N VAL C 193 4.05 -48.50 10.84
CA VAL C 193 3.20 -48.93 11.95
C VAL C 193 2.19 -47.85 12.35
N VAL C 194 1.18 -48.21 13.13
CA VAL C 194 0.17 -47.29 13.62
C VAL C 194 -0.35 -47.81 14.96
N THR C 195 -0.49 -46.92 15.94
CA THR C 195 -1.04 -47.30 17.24
C THR C 195 -2.49 -46.90 17.22
N VAL C 196 -3.35 -47.86 17.54
CA VAL C 196 -4.80 -47.65 17.56
C VAL C 196 -5.36 -48.13 18.90
N PRO C 197 -6.57 -47.68 19.26
CA PRO C 197 -7.18 -48.16 20.52
C PRO C 197 -7.47 -49.65 20.42
N SER C 198 -7.29 -50.37 21.54
CA SER C 198 -7.54 -51.81 21.58
C SER C 198 -9.03 -52.15 21.39
N SER C 199 -9.94 -51.22 21.79
CA SER C 199 -11.39 -51.42 21.68
C SER C 199 -11.87 -51.55 20.22
N SER C 200 -11.17 -50.89 19.29
CA SER C 200 -11.52 -50.91 17.87
C SER C 200 -10.77 -51.98 17.08
N LEU C 201 -10.24 -53.03 17.75
CA LEU C 201 -9.49 -54.07 17.03
C LEU C 201 -10.38 -54.89 16.06
N GLY C 202 -11.39 -55.57 16.58
CA GLY C 202 -12.29 -56.35 15.73
C GLY C 202 -13.45 -55.55 15.17
N THR C 203 -13.42 -54.22 15.34
CA THR C 203 -14.47 -53.32 14.89
C THR C 203 -14.03 -52.52 13.66
N GLN C 204 -12.87 -51.88 13.73
CA GLN C 204 -12.34 -51.04 12.64
C GLN C 204 -11.42 -51.85 11.75
N THR C 205 -11.49 -51.61 10.43
CA THR C 205 -10.62 -52.30 9.49
C THR C 205 -9.42 -51.41 9.20
N TYR C 206 -8.21 -51.98 9.26
CA TYR C 206 -7.00 -51.22 9.00
C TYR C 206 -6.31 -51.79 7.78
N ILE C 207 -6.09 -50.94 6.78
CA ILE C 207 -5.48 -51.37 5.53
C ILE C 207 -4.34 -50.45 5.17
N CYS C 208 -3.15 -50.99 4.89
CA CYS C 208 -2.04 -50.14 4.46
C CYS C 208 -2.00 -50.12 2.95
N ASN C 209 -1.79 -48.95 2.38
CA ASN C 209 -1.74 -48.77 0.95
C ASN C 209 -0.31 -48.45 0.59
N VAL C 210 0.36 -49.42 -0.03
CA VAL C 210 1.75 -49.31 -0.41
C VAL C 210 1.86 -49.04 -1.88
N ASN C 211 2.66 -48.04 -2.26
CA ASN C 211 2.86 -47.72 -3.66
C ASN C 211 4.34 -47.57 -3.95
N HIS C 212 4.84 -48.39 -4.87
CA HIS C 212 6.21 -48.34 -5.34
C HIS C 212 6.09 -48.03 -6.81
N LYS C 213 6.10 -46.75 -7.15
CA LYS C 213 5.94 -46.33 -8.54
C LYS C 213 7.03 -46.86 -9.50
N PRO C 214 8.32 -47.01 -9.13
CA PRO C 214 9.31 -47.53 -10.09
C PRO C 214 9.01 -48.92 -10.68
N SER C 215 8.30 -49.76 -9.93
CA SER C 215 7.92 -51.09 -10.41
C SER C 215 6.42 -51.20 -10.72
N ASN C 216 5.66 -50.10 -10.61
CA ASN C 216 4.22 -50.04 -10.80
C ASN C 216 3.52 -51.02 -9.87
N THR C 217 3.95 -51.04 -8.60
CA THR C 217 3.38 -51.92 -7.59
C THR C 217 2.47 -51.12 -6.69
N LYS C 218 1.21 -51.53 -6.57
CA LYS C 218 0.25 -50.89 -5.68
C LYS C 218 -0.40 -52.03 -4.92
N VAL C 219 -0.20 -52.07 -3.61
CA VAL C 219 -0.76 -53.14 -2.79
C VAL C 219 -1.57 -52.54 -1.66
N ASP C 220 -2.77 -53.07 -1.44
CA ASP C 220 -3.61 -52.63 -0.33
C ASP C 220 -3.73 -53.85 0.57
N LYS C 221 -3.02 -53.86 1.70
CA LYS C 221 -3.00 -55.01 2.59
C LYS C 221 -3.84 -54.82 3.83
N LYS C 222 -4.79 -55.72 4.05
CA LYS C 222 -5.64 -55.66 5.23
C LYS C 222 -4.89 -56.29 6.41
N VAL C 223 -4.76 -55.55 7.52
CA VAL C 223 -4.06 -56.02 8.71
C VAL C 223 -5.08 -56.35 9.80
N GLU C 224 -5.27 -57.66 10.05
CA GLU C 224 -6.22 -58.17 11.03
C GLU C 224 -5.48 -59.01 12.07
N PRO C 225 -6.00 -59.04 13.32
CA PRO C 225 -5.39 -59.92 14.32
C PRO C 225 -5.61 -61.39 13.94
N LYS C 226 -4.60 -62.26 14.11
CA LYS C 226 -4.74 -63.66 13.71
C LYS C 226 -5.61 -64.44 14.68
N LYS D 6 -23.70 3.83 -14.99
CA LYS D 6 -24.03 4.93 -14.09
C LYS D 6 -25.53 5.33 -14.18
N ASN D 7 -26.01 6.15 -13.22
CA ASN D 7 -27.40 6.64 -13.10
C ASN D 7 -28.46 5.52 -13.05
N PHE D 8 -28.04 4.32 -12.64
CA PHE D 8 -28.86 3.14 -12.50
C PHE D 8 -28.19 2.28 -11.41
N PRO D 9 -28.97 1.85 -10.41
CA PRO D 9 -28.37 1.02 -9.35
C PRO D 9 -28.12 -0.44 -9.78
N ARG D 10 -26.89 -0.92 -9.61
CA ARG D 10 -26.54 -2.28 -9.98
C ARG D 10 -26.35 -3.10 -8.72
N THR D 11 -27.39 -3.84 -8.26
CA THR D 11 -27.27 -4.63 -7.04
C THR D 11 -26.93 -6.08 -7.34
N VAL D 12 -25.99 -6.63 -6.59
CA VAL D 12 -25.49 -7.99 -6.75
C VAL D 12 -25.47 -8.73 -5.39
N MET D 13 -25.26 -10.04 -5.40
CA MET D 13 -25.17 -10.82 -4.18
C MET D 13 -23.73 -11.16 -3.91
N VAL D 14 -23.30 -11.02 -2.67
CA VAL D 14 -21.94 -11.33 -2.29
C VAL D 14 -21.93 -12.24 -1.08
N ASN D 15 -21.24 -13.37 -1.16
CA ASN D 15 -21.05 -14.31 -0.05
C ASN D 15 -19.82 -13.79 0.74
N LEU D 16 -20.04 -13.32 1.97
CA LEU D 16 -18.97 -12.76 2.80
C LEU D 16 -18.10 -13.80 3.50
N ASN D 17 -18.51 -15.09 3.47
CA ASN D 17 -17.70 -16.12 4.12
C ASN D 17 -16.50 -16.47 3.25
N ILE D 18 -15.38 -15.80 3.51
CA ILE D 18 -14.12 -15.99 2.80
C ILE D 18 -13.61 -17.41 3.03
N HIS D 19 -13.08 -18.07 1.99
CA HIS D 19 -12.56 -19.43 2.14
C HIS D 19 -11.10 -19.40 2.64
N ASP D 32 7.83 -6.19 10.11
CA ASP D 32 8.22 -4.96 10.80
C ASP D 32 9.20 -4.11 9.99
N TYR D 33 9.09 -4.17 8.65
CA TYR D 33 9.92 -3.34 7.78
C TYR D 33 9.64 -1.86 7.97
N TYR D 34 8.43 -1.48 8.45
CA TYR D 34 8.10 -0.08 8.76
C TYR D 34 9.14 0.56 9.72
N ASN D 35 9.95 -0.26 10.45
CA ASN D 35 10.97 0.20 11.41
C ASN D 35 12.37 0.32 10.79
N ARG D 36 12.73 -0.60 9.89
CA ARG D 36 14.04 -0.60 9.25
C ARG D 36 14.10 0.18 7.93
N SER D 37 12.94 0.67 7.43
CA SER D 37 12.86 1.45 6.21
C SER D 37 13.56 2.79 6.36
N THR D 38 14.20 3.28 5.29
CA THR D 38 14.82 4.60 5.29
C THR D 38 13.73 5.68 5.35
N SER D 39 12.48 5.36 4.97
CA SER D 39 11.34 6.23 5.08
C SER D 39 10.36 5.48 6.03
N PRO D 40 10.68 5.41 7.35
CA PRO D 40 9.85 4.60 8.26
C PRO D 40 8.45 5.18 8.46
N TRP D 41 7.55 4.35 8.97
CA TRP D 41 6.19 4.79 9.20
C TRP D 41 5.54 4.05 10.36
N ASN D 42 4.40 4.56 10.81
CA ASN D 42 3.63 4.01 11.89
C ASN D 42 2.25 3.73 11.36
N LEU D 43 1.64 2.63 11.80
CA LEU D 43 0.28 2.30 11.39
C LEU D 43 -0.66 2.77 12.47
N HIS D 44 -1.73 3.44 12.08
CA HIS D 44 -2.73 3.94 12.99
C HIS D 44 -4.05 3.25 12.72
N ARG D 45 -4.73 2.80 13.78
CA ARG D 45 -5.99 2.08 13.66
C ARG D 45 -7.12 3.01 13.28
N ASN D 46 -7.90 2.62 12.27
CA ASN D 46 -9.06 3.37 11.81
C ASN D 46 -10.23 2.42 11.96
N GLU D 47 -11.13 2.69 12.91
CA GLU D 47 -12.28 1.81 13.14
C GLU D 47 -13.60 2.48 12.76
N ASP D 48 -14.42 1.82 11.94
CA ASP D 48 -15.71 2.35 11.50
C ASP D 48 -16.76 1.24 11.54
N PRO D 49 -17.75 1.35 12.46
CA PRO D 49 -18.80 0.31 12.55
C PRO D 49 -19.70 0.23 11.31
N GLU D 50 -19.80 1.32 10.52
CA GLU D 50 -20.60 1.38 9.29
C GLU D 50 -19.85 0.85 8.05
N ARG D 51 -18.71 0.18 8.24
CA ARG D 51 -17.89 -0.27 7.15
C ARG D 51 -17.41 -1.71 7.30
N TYR D 52 -17.17 -2.38 6.16
CA TYR D 52 -16.53 -3.69 6.07
C TYR D 52 -15.39 -3.46 5.08
N PRO D 53 -14.12 -3.71 5.46
CA PRO D 53 -13.66 -4.10 6.80
C PRO D 53 -13.84 -2.98 7.82
N SER D 54 -14.22 -3.31 9.07
CA SER D 54 -14.43 -2.25 10.06
C SER D 54 -13.09 -1.63 10.50
N VAL D 55 -12.01 -2.42 10.50
CA VAL D 55 -10.70 -1.91 10.88
C VAL D 55 -9.75 -1.82 9.69
N ILE D 56 -9.17 -0.64 9.46
CA ILE D 56 -8.19 -0.41 8.41
C ILE D 56 -6.95 0.22 9.05
N TRP D 57 -5.76 -0.31 8.77
CA TRP D 57 -4.54 0.26 9.31
C TRP D 57 -3.91 1.24 8.31
N GLU D 58 -3.89 2.52 8.66
CA GLU D 58 -3.35 3.55 7.78
C GLU D 58 -1.96 3.98 8.20
N ALA D 59 -1.03 4.04 7.24
CA ALA D 59 0.35 4.44 7.54
C ALA D 59 0.56 5.94 7.54
N LYS D 60 1.38 6.43 8.47
CA LYS D 60 1.73 7.84 8.55
C LYS D 60 3.26 7.90 8.54
N CYS D 61 3.88 8.68 7.62
CA CYS D 61 5.34 8.78 7.60
C CYS D 61 5.86 9.36 8.90
N ARG D 62 6.96 8.83 9.37
CA ARG D 62 7.55 9.25 10.64
C ARG D 62 8.32 10.58 10.53
N HIS D 63 8.90 10.83 9.35
CA HIS D 63 9.72 12.00 9.10
C HIS D 63 9.47 12.62 7.73
N LEU D 64 10.00 13.83 7.51
CA LEU D 64 9.98 14.50 6.22
C LEU D 64 11.19 14.03 5.40
N GLY D 65 12.31 13.79 6.06
CA GLY D 65 13.49 13.28 5.38
C GLY D 65 13.56 11.76 5.42
N CYS D 66 14.70 11.22 4.99
CA CYS D 66 14.95 9.78 5.01
C CYS D 66 16.13 9.49 5.93
N ILE D 67 16.16 8.34 6.56
CA ILE D 67 17.28 7.95 7.42
C ILE D 67 18.53 7.64 6.57
N ASN D 68 19.65 8.28 6.89
CA ASN D 68 20.90 8.06 6.18
C ASN D 68 21.67 6.88 6.77
N ALA D 69 22.85 6.55 6.22
CA ALA D 69 23.64 5.41 6.68
C ALA D 69 24.09 5.52 8.14
N ASP D 70 24.25 6.76 8.65
CA ASP D 70 24.64 6.96 10.04
C ASP D 70 23.46 7.03 11.04
N GLY D 71 22.24 6.77 10.56
CA GLY D 71 21.09 6.74 11.43
C GLY D 71 20.37 8.06 11.64
N ASN D 72 20.85 9.13 11.01
CA ASN D 72 20.22 10.45 11.17
C ASN D 72 19.25 10.82 10.04
N VAL D 73 18.41 11.86 10.24
CA VAL D 73 17.47 12.28 9.19
C VAL D 73 18.15 13.17 8.15
N ASP D 74 18.05 12.75 6.90
CA ASP D 74 18.63 13.40 5.74
C ASP D 74 17.55 14.20 5.05
N TYR D 75 17.65 15.52 5.13
CA TYR D 75 16.65 16.38 4.54
C TYR D 75 16.87 16.66 3.05
N HIS D 76 17.88 16.02 2.42
CA HIS D 76 18.11 16.11 0.98
C HIS D 76 17.26 15.09 0.18
N MET D 77 16.51 14.23 0.88
CA MET D 77 15.63 13.19 0.34
C MET D 77 14.37 13.25 1.15
N ASN D 78 13.23 12.79 0.61
CA ASN D 78 11.98 12.86 1.35
C ASN D 78 11.20 11.57 1.51
N SER D 79 10.55 11.40 2.68
CA SER D 79 9.64 10.26 2.90
C SER D 79 8.29 10.70 2.39
N VAL D 80 7.67 9.91 1.52
CA VAL D 80 6.35 10.24 0.97
C VAL D 80 5.44 9.03 1.09
N PRO D 81 4.15 9.23 1.43
CA PRO D 81 3.26 8.08 1.58
C PRO D 81 2.90 7.43 0.24
N ILE D 82 2.79 6.09 0.22
CA ILE D 82 2.40 5.33 -0.95
C ILE D 82 0.91 5.10 -0.76
N GLN D 83 0.10 5.80 -1.56
CA GLN D 83 -1.36 5.71 -1.40
C GLN D 83 -2.02 4.85 -2.46
N GLN D 84 -2.88 3.93 -2.01
CA GLN D 84 -3.59 3.07 -2.93
C GLN D 84 -5.10 3.21 -2.77
N GLU D 85 -5.84 3.05 -3.88
CA GLU D 85 -7.30 3.06 -3.82
C GLU D 85 -7.75 1.65 -3.47
N ILE D 86 -8.62 1.51 -2.46
CA ILE D 86 -9.14 0.20 -2.06
C ILE D 86 -10.67 0.20 -2.05
N LEU D 87 -11.27 -0.99 -2.16
CA LEU D 87 -12.71 -1.12 -2.11
C LEU D 87 -13.15 -1.39 -0.68
N VAL D 88 -14.24 -0.77 -0.25
CA VAL D 88 -14.84 -1.02 1.05
C VAL D 88 -16.37 -1.13 0.90
N LEU D 89 -17.05 -1.75 1.87
CA LEU D 89 -18.50 -1.88 1.84
C LEU D 89 -19.06 -0.95 2.89
N ARG D 90 -19.94 -0.04 2.50
CA ARG D 90 -20.53 0.93 3.40
C ARG D 90 -21.99 0.56 3.64
N ARG D 91 -22.42 0.41 4.91
CA ARG D 91 -23.81 0.03 5.26
C ARG D 91 -24.79 0.99 4.62
N GLU D 92 -25.77 0.43 3.89
CA GLU D 92 -26.81 1.20 3.22
C GLU D 92 -28.09 0.40 3.27
N PRO D 93 -29.10 0.83 4.05
CA PRO D 93 -29.13 2.04 4.91
C PRO D 93 -28.21 1.94 6.14
N PRO D 94 -27.97 3.03 6.90
CA PRO D 94 -27.11 2.91 8.09
C PRO D 94 -27.58 1.84 9.08
N HIS D 95 -26.60 1.09 9.62
CA HIS D 95 -26.77 -0.01 10.57
C HIS D 95 -27.37 -1.28 9.93
N SER D 96 -27.41 -1.35 8.58
CA SER D 96 -27.91 -2.56 7.93
C SER D 96 -26.87 -3.65 7.97
N PRO D 97 -27.25 -4.83 8.47
CA PRO D 97 -26.29 -5.94 8.52
C PRO D 97 -26.12 -6.70 7.20
N ASN D 98 -27.06 -6.54 6.25
CA ASN D 98 -27.01 -7.31 5.01
C ASN D 98 -27.07 -6.53 3.71
N SER D 99 -27.02 -5.19 3.76
CA SER D 99 -27.05 -4.39 2.54
C SER D 99 -26.03 -3.28 2.59
N PHE D 100 -25.21 -3.18 1.53
CA PHE D 100 -24.10 -2.24 1.45
C PHE D 100 -24.00 -1.58 0.07
N ARG D 101 -23.18 -0.53 -0.02
CA ARG D 101 -22.85 0.14 -1.25
C ARG D 101 -21.32 0.06 -1.38
N LEU D 102 -20.81 -0.29 -2.56
CA LEU D 102 -19.37 -0.37 -2.79
C LEU D 102 -18.79 1.04 -2.86
N GLU D 103 -17.75 1.28 -2.07
CA GLU D 103 -17.13 2.58 -1.99
C GLU D 103 -15.61 2.43 -2.23
N LYS D 104 -15.00 3.41 -2.91
CA LYS D 104 -13.56 3.40 -3.13
C LYS D 104 -12.94 4.49 -2.29
N ILE D 105 -12.03 4.11 -1.39
CA ILE D 105 -11.35 5.08 -0.55
C ILE D 105 -9.83 5.04 -0.78
N LEU D 106 -9.15 6.14 -0.47
CA LEU D 106 -7.70 6.18 -0.63
C LEU D 106 -7.05 5.91 0.72
N VAL D 107 -6.07 5.01 0.77
CA VAL D 107 -5.37 4.71 2.03
C VAL D 107 -3.87 4.77 1.86
N SER D 108 -3.16 5.07 2.95
CA SER D 108 -1.70 5.08 2.95
C SER D 108 -1.28 3.70 3.42
N VAL D 109 -0.46 3.05 2.60
CA VAL D 109 0.01 1.68 2.82
C VAL D 109 1.37 1.66 3.54
N GLY D 110 2.19 2.64 3.23
CA GLY D 110 3.52 2.81 3.79
C GLY D 110 4.15 4.07 3.23
N CYS D 111 5.47 4.19 3.36
CA CYS D 111 6.21 5.32 2.84
C CYS D 111 7.37 4.88 2.02
N THR D 112 7.72 5.66 1.02
CA THR D 112 8.90 5.40 0.21
C THR D 112 9.80 6.64 0.29
N CYS D 113 11.07 6.50 -0.13
CA CYS D 113 12.00 7.62 -0.08
C CYS D 113 12.19 8.14 -1.48
N VAL D 114 11.92 9.41 -1.75
CA VAL D 114 12.08 9.97 -3.09
C VAL D 114 13.12 11.07 -3.13
N THR D 115 13.71 11.26 -4.30
CA THR D 115 14.64 12.35 -4.53
C THR D 115 13.81 13.52 -5.07
N PRO D 116 14.03 14.77 -4.60
CA PRO D 116 13.32 15.90 -5.20
C PRO D 116 13.79 16.14 -6.63
N ILE D 117 12.92 16.69 -7.50
CA ILE D 117 13.32 17.01 -8.88
C ILE D 117 14.20 18.27 -8.82
N VAL D 118 15.43 18.21 -9.32
CA VAL D 118 16.33 19.39 -9.32
C VAL D 118 16.70 19.75 -10.80
N HIS D 119 15.82 19.38 -11.76
CA HIS D 119 16.09 19.39 -13.18
C HIS D 119 15.18 20.24 -14.05
N HIS D 120 15.82 21.02 -14.95
CA HIS D 120 15.21 21.93 -15.94
C HIS D 120 14.00 22.71 -15.39
N PHE E 8 -23.30 -21.37 7.85
CA PHE E 8 -22.03 -20.74 7.45
C PHE E 8 -22.06 -19.70 6.28
N PRO E 9 -22.82 -19.82 5.16
CA PRO E 9 -22.75 -18.76 4.11
C PRO E 9 -23.51 -17.49 4.50
N ARG E 10 -22.84 -16.34 4.47
CA ARG E 10 -23.49 -15.07 4.80
C ARG E 10 -23.61 -14.25 3.54
N THR E 11 -24.78 -14.28 2.86
CA THR E 11 -24.95 -13.54 1.62
C THR E 11 -25.61 -12.18 1.87
N VAL E 12 -25.06 -11.14 1.24
CA VAL E 12 -25.52 -9.75 1.39
C VAL E 12 -25.74 -9.10 0.00
N MET E 13 -26.34 -7.91 -0.02
CA MET E 13 -26.55 -7.19 -1.26
C MET E 13 -25.55 -6.06 -1.33
N VAL E 14 -24.94 -5.89 -2.50
CA VAL E 14 -23.99 -4.81 -2.72
C VAL E 14 -24.37 -4.04 -3.97
N ASN E 15 -24.56 -2.72 -3.84
CA ASN E 15 -24.83 -1.83 -4.96
C ASN E 15 -23.45 -1.40 -5.50
N LEU E 16 -23.10 -1.83 -6.71
CA LEU E 16 -21.81 -1.52 -7.33
C LEU E 16 -21.69 -0.13 -7.92
N ASN E 17 -22.80 0.62 -8.04
CA ASN E 17 -22.74 1.97 -8.58
C ASN E 17 -22.19 2.93 -7.52
N ILE E 18 -20.88 3.12 -7.54
CA ILE E 18 -20.18 3.99 -6.59
C ILE E 18 -20.64 5.44 -6.77
N HIS E 19 -20.83 6.17 -5.66
CA HIS E 19 -21.25 7.57 -5.74
C HIS E 19 -20.02 8.49 -5.90
N SER E 31 1.39 8.40 -8.74
CA SER E 31 2.26 9.56 -9.02
C SER E 31 3.63 9.11 -9.60
N ASP E 32 4.61 10.02 -9.77
CA ASP E 32 5.92 9.66 -10.30
C ASP E 32 6.87 9.07 -9.24
N TYR E 33 6.32 8.64 -8.07
CA TYR E 33 7.09 8.07 -6.98
C TYR E 33 7.81 6.83 -7.43
N TYR E 34 7.13 5.98 -8.23
CA TYR E 34 7.75 4.76 -8.76
C TYR E 34 9.11 5.03 -9.45
N ASN E 35 9.30 6.25 -9.99
CA ASN E 35 10.52 6.67 -10.69
C ASN E 35 11.49 7.47 -9.84
N ARG E 36 10.99 8.25 -8.89
CA ARG E 36 11.85 9.06 -8.03
C ARG E 36 12.29 8.35 -6.74
N SER E 37 11.71 7.18 -6.45
CA SER E 37 12.01 6.43 -5.24
C SER E 37 13.39 5.84 -5.28
N THR E 38 14.04 5.78 -4.11
CA THR E 38 15.35 5.11 -3.97
C THR E 38 15.16 3.60 -4.11
N SER E 39 13.94 3.08 -3.91
CA SER E 39 13.58 1.68 -4.12
C SER E 39 12.51 1.73 -5.24
N PRO E 40 12.89 2.04 -6.50
CA PRO E 40 11.88 2.19 -7.55
C PRO E 40 11.17 0.91 -7.91
N TRP E 41 10.04 1.04 -8.58
CA TRP E 41 9.26 -0.13 -8.96
C TRP E 41 8.48 0.09 -10.24
N ASN E 42 7.98 -0.98 -10.81
CA ASN E 42 7.19 -0.99 -12.02
C ASN E 42 5.86 -1.61 -11.71
N LEU E 43 4.79 -1.08 -12.29
CA LEU E 43 3.47 -1.63 -12.08
C LEU E 43 3.16 -2.54 -13.26
N HIS E 44 2.67 -3.74 -12.96
CA HIS E 44 2.32 -4.71 -13.98
C HIS E 44 0.82 -4.94 -13.95
N ARG E 45 0.19 -4.94 -15.12
CA ARG E 45 -1.25 -5.11 -15.23
C ARG E 45 -1.64 -6.56 -14.96
N ASN E 46 -2.64 -6.75 -14.11
CA ASN E 46 -3.18 -8.06 -13.77
C ASN E 46 -4.64 -8.00 -14.16
N GLU E 47 -5.03 -8.71 -15.22
CA GLU E 47 -6.41 -8.68 -15.69
C GLU E 47 -7.13 -10.02 -15.49
N ASP E 48 -8.32 -9.98 -14.91
CA ASP E 48 -9.12 -11.17 -14.69
C ASP E 48 -10.58 -10.84 -14.98
N PRO E 49 -11.16 -11.45 -16.03
CA PRO E 49 -12.57 -11.18 -16.34
C PRO E 49 -13.53 -11.68 -15.25
N GLU E 50 -13.12 -12.69 -14.46
CA GLU E 50 -13.93 -13.29 -13.39
C GLU E 50 -13.61 -12.66 -12.03
N ARG E 51 -13.39 -11.33 -12.03
CA ARG E 51 -13.04 -10.64 -10.80
C ARG E 51 -13.47 -9.18 -10.82
N TYR E 52 -13.67 -8.60 -9.63
CA TYR E 52 -14.01 -7.20 -9.45
C TYR E 52 -13.09 -6.66 -8.36
N PRO E 53 -12.18 -5.73 -8.68
CA PRO E 53 -11.95 -5.14 -10.01
C PRO E 53 -11.23 -6.09 -10.96
N SER E 54 -11.60 -6.05 -12.24
CA SER E 54 -10.99 -6.90 -13.25
C SER E 54 -9.50 -6.57 -13.38
N VAL E 55 -9.13 -5.28 -13.30
CA VAL E 55 -7.74 -4.88 -13.43
C VAL E 55 -7.14 -4.43 -12.10
N ILE E 56 -6.01 -5.02 -11.72
CA ILE E 56 -5.27 -4.66 -10.51
C ILE E 56 -3.82 -4.40 -10.93
N TRP E 57 -3.24 -3.27 -10.50
CA TRP E 57 -1.85 -2.97 -10.82
C TRP E 57 -0.92 -3.42 -9.67
N GLU E 58 -0.09 -4.42 -9.94
CA GLU E 58 0.82 -4.96 -8.94
C GLU E 58 2.25 -4.44 -9.13
N ALA E 59 2.87 -3.94 -8.07
CA ALA E 59 4.22 -3.42 -8.13
C ALA E 59 5.31 -4.50 -8.01
N LYS E 60 6.37 -4.36 -8.79
CA LYS E 60 7.51 -5.27 -8.73
C LYS E 60 8.75 -4.40 -8.51
N CYS E 61 9.57 -4.68 -7.47
CA CYS E 61 10.78 -3.88 -7.24
C CYS E 61 11.72 -3.99 -8.42
N ARG E 62 12.35 -2.88 -8.77
CA ARG E 62 13.24 -2.82 -9.92
C ARG E 62 14.63 -3.42 -9.65
N HIS E 63 15.08 -3.34 -8.41
CA HIS E 63 16.40 -3.78 -7.98
C HIS E 63 16.38 -4.44 -6.61
N LEU E 64 17.48 -5.10 -6.25
CA LEU E 64 17.69 -5.67 -4.92
C LEU E 64 18.26 -4.59 -3.99
N GLY E 65 19.08 -3.71 -4.51
CA GLY E 65 19.60 -2.60 -3.73
C GLY E 65 18.74 -1.35 -3.84
N CYS E 66 19.23 -0.23 -3.32
CA CYS E 66 18.54 1.05 -3.40
C CYS E 66 19.42 2.02 -4.18
N ILE E 67 18.83 2.99 -4.87
CA ILE E 67 19.58 4.01 -5.59
C ILE E 67 20.26 4.98 -4.60
N ASN E 68 21.59 5.14 -4.73
CA ASN E 68 22.34 6.04 -3.88
C ASN E 68 22.32 7.48 -4.43
N ALA E 69 22.98 8.42 -3.75
CA ALA E 69 23.00 9.83 -4.18
C ALA E 69 23.62 10.05 -5.55
N ASP E 70 24.55 9.18 -5.97
CA ASP E 70 25.20 9.29 -7.27
C ASP E 70 24.45 8.55 -8.41
N GLY E 71 23.24 8.04 -8.13
CA GLY E 71 22.44 7.39 -9.14
C GLY E 71 22.67 5.91 -9.37
N ASN E 72 23.60 5.31 -8.63
CA ASN E 72 23.91 3.89 -8.79
C ASN E 72 23.21 2.98 -7.78
N VAL E 73 23.22 1.64 -8.01
CA VAL E 73 22.60 0.70 -7.08
C VAL E 73 23.53 0.38 -5.90
N ASP E 74 23.03 0.61 -4.70
CA ASP E 74 23.73 0.44 -3.45
C ASP E 74 23.28 -0.88 -2.84
N TYR E 75 24.18 -1.86 -2.81
CA TYR E 75 23.84 -3.16 -2.29
C TYR E 75 23.99 -3.26 -0.76
N HIS E 76 24.30 -2.14 -0.07
CA HIS E 76 24.34 -2.11 1.39
C HIS E 76 22.93 -1.85 2.02
N MET E 77 21.91 -1.61 1.18
CA MET E 77 20.52 -1.34 1.53
C MET E 77 19.69 -2.15 0.56
N ASN E 78 18.43 -2.50 0.92
CA ASN E 78 17.60 -3.30 0.01
C ASN E 78 16.22 -2.75 -0.33
N SER E 79 15.76 -2.98 -1.56
CA SER E 79 14.40 -2.61 -1.97
C SER E 79 13.52 -3.79 -1.60
N VAL E 80 12.43 -3.57 -0.85
CA VAL E 80 11.52 -4.64 -0.48
C VAL E 80 10.08 -4.22 -0.76
N PRO E 81 9.23 -5.13 -1.25
CA PRO E 81 7.85 -4.74 -1.58
C PRO E 81 6.98 -4.49 -0.35
N ILE E 82 6.08 -3.51 -0.45
CA ILE E 82 5.13 -3.15 0.60
C ILE E 82 3.86 -3.87 0.21
N GLN E 83 3.51 -4.93 0.94
CA GLN E 83 2.34 -5.74 0.58
C GLN E 83 1.14 -5.50 1.46
N GLN E 84 -0.02 -5.28 0.84
CA GLN E 84 -1.24 -5.07 1.59
C GLN E 84 -2.31 -6.11 1.22
N GLU E 85 -3.17 -6.47 2.18
CA GLU E 85 -4.28 -7.37 1.91
C GLU E 85 -5.44 -6.52 1.41
N ILE E 86 -6.03 -6.89 0.28
CA ILE E 86 -7.17 -6.15 -0.26
C ILE E 86 -8.36 -7.07 -0.50
N LEU E 87 -9.58 -6.50 -0.56
CA LEU E 87 -10.77 -7.28 -0.82
C LEU E 87 -11.06 -7.26 -2.32
N VAL E 88 -11.46 -8.40 -2.86
CA VAL E 88 -11.86 -8.51 -4.26
C VAL E 88 -13.15 -9.35 -4.34
N LEU E 89 -13.90 -9.22 -5.44
CA LEU E 89 -15.12 -9.99 -5.65
C LEU E 89 -14.83 -11.01 -6.74
N ARG E 90 -15.02 -12.29 -6.42
CA ARG E 90 -14.75 -13.38 -7.37
C ARG E 90 -16.09 -13.94 -7.85
N ARG E 91 -16.32 -14.01 -9.19
CA ARG E 91 -17.57 -14.53 -9.76
C ARG E 91 -17.87 -15.92 -9.24
N GLU E 92 -19.09 -16.10 -8.70
CA GLU E 92 -19.54 -17.38 -8.18
C GLU E 92 -21.03 -17.50 -8.46
N PRO E 93 -21.44 -18.39 -9.38
CA PRO E 93 -20.62 -19.32 -10.18
C PRO E 93 -19.76 -18.61 -11.25
N PRO E 94 -18.82 -19.31 -11.93
CA PRO E 94 -18.03 -18.63 -12.98
C PRO E 94 -18.89 -17.97 -14.07
N HIS E 95 -18.48 -16.77 -14.47
CA HIS E 95 -19.12 -15.91 -15.48
C HIS E 95 -20.41 -15.26 -14.98
N SER E 96 -20.71 -15.33 -13.66
CA SER E 96 -21.94 -14.73 -13.15
C SER E 96 -21.78 -13.22 -13.08
N PRO E 97 -22.72 -12.48 -13.67
CA PRO E 97 -22.64 -11.02 -13.61
C PRO E 97 -23.19 -10.40 -12.33
N ASN E 98 -23.96 -11.17 -11.53
CA ASN E 98 -24.59 -10.60 -10.34
C ASN E 98 -24.34 -11.35 -9.03
N SER E 99 -23.48 -12.38 -9.02
CA SER E 99 -23.20 -13.10 -7.78
C SER E 99 -21.73 -13.36 -7.62
N PHE E 100 -21.19 -13.01 -6.46
CA PHE E 100 -19.76 -13.10 -6.15
C PHE E 100 -19.50 -13.64 -4.75
N ARG E 101 -18.23 -14.00 -4.49
CA ARG E 101 -17.75 -14.40 -3.18
C ARG E 101 -16.64 -13.41 -2.81
N LEU E 102 -16.65 -12.88 -1.57
CA LEU E 102 -15.62 -11.95 -1.12
C LEU E 102 -14.33 -12.72 -0.88
N GLU E 103 -13.26 -12.24 -1.48
CA GLU E 103 -11.96 -12.89 -1.38
C GLU E 103 -10.89 -11.87 -0.93
N LYS E 104 -9.94 -12.29 -0.11
CA LYS E 104 -8.85 -11.41 0.34
C LYS E 104 -7.57 -11.87 -0.34
N ILE E 105 -6.96 -10.98 -1.10
CA ILE E 105 -5.70 -11.30 -1.77
C ILE E 105 -4.59 -10.36 -1.33
N LEU E 106 -3.34 -10.81 -1.44
CA LEU E 106 -2.20 -9.97 -1.08
C LEU E 106 -1.65 -9.31 -2.33
N VAL E 107 -1.42 -7.99 -2.30
CA VAL E 107 -0.88 -7.29 -3.46
C VAL E 107 0.31 -6.44 -3.08
N SER E 108 1.21 -6.20 -4.05
CA SER E 108 2.34 -5.32 -3.84
C SER E 108 1.89 -3.94 -4.32
N VAL E 109 2.02 -2.96 -3.44
CA VAL E 109 1.61 -1.58 -3.68
C VAL E 109 2.76 -0.71 -4.20
N GLY E 110 3.96 -1.02 -3.73
CA GLY E 110 5.19 -0.34 -4.09
C GLY E 110 6.36 -0.97 -3.36
N CYS E 111 7.49 -0.28 -3.32
CA CYS E 111 8.68 -0.77 -2.63
C CYS E 111 9.20 0.28 -1.68
N THR E 112 9.81 -0.16 -0.59
CA THR E 112 10.49 0.72 0.35
C THR E 112 11.97 0.29 0.45
N CYS E 113 12.82 1.13 1.01
CA CYS E 113 14.23 0.80 1.15
C CYS E 113 14.53 0.44 2.59
N VAL E 114 15.07 -0.75 2.88
CA VAL E 114 15.36 -1.15 4.26
C VAL E 114 16.82 -1.38 4.50
N THR E 115 17.24 -1.21 5.74
CA THR E 115 18.60 -1.46 6.18
C THR E 115 18.63 -2.88 6.75
N PRO E 116 19.60 -3.71 6.37
CA PRO E 116 19.71 -5.04 7.01
C PRO E 116 20.12 -4.91 8.48
N ILE E 117 19.72 -5.86 9.34
CA ILE E 117 20.13 -5.82 10.74
C ILE E 117 21.59 -6.29 10.80
N VAL E 118 22.51 -5.48 11.35
CA VAL E 118 23.93 -5.89 11.42
C VAL E 118 24.37 -5.98 12.93
N HIS E 119 23.42 -6.34 13.81
CA HIS E 119 23.65 -6.29 15.26
C HIS E 119 22.80 -7.24 16.13
N HIS E 120 23.29 -7.49 17.39
CA HIS E 120 22.60 -8.28 18.42
C HIS E 120 22.20 -7.35 19.57
N ALA F 1 32.61 -21.08 -6.30
CA ALA F 1 33.67 -20.11 -5.98
C ALA F 1 33.49 -19.48 -4.57
N ILE F 2 32.34 -18.79 -4.25
CA ILE F 2 32.18 -18.26 -2.89
C ILE F 2 31.79 -19.40 -1.94
N GLN F 3 32.65 -19.71 -0.97
CA GLN F 3 32.39 -20.77 -0.02
C GLN F 3 31.68 -20.26 1.21
N LEU F 4 30.63 -20.97 1.64
CA LEU F 4 29.88 -20.59 2.85
C LEU F 4 30.05 -21.65 3.90
N THR F 5 30.43 -21.25 5.11
CA THR F 5 30.63 -22.18 6.20
C THR F 5 29.67 -21.91 7.33
N GLN F 6 28.81 -22.89 7.64
CA GLN F 6 27.87 -22.73 8.74
C GLN F 6 28.41 -23.26 10.04
N SER F 7 28.04 -22.63 11.15
CA SER F 7 28.45 -23.10 12.47
C SER F 7 27.31 -22.93 13.48
N PRO F 8 26.98 -23.99 14.22
CA PRO F 8 27.55 -25.35 14.16
C PRO F 8 26.95 -26.20 13.04
N SER F 9 27.42 -27.44 12.87
CA SER F 9 26.82 -28.34 11.87
C SER F 9 25.54 -29.00 12.40
N SER F 10 25.39 -29.06 13.72
CA SER F 10 24.23 -29.58 14.40
C SER F 10 24.20 -29.00 15.81
N LEU F 11 22.99 -28.90 16.36
CA LEU F 11 22.81 -28.42 17.73
C LEU F 11 21.52 -28.97 18.31
N SER F 12 21.45 -29.03 19.63
CA SER F 12 20.27 -29.50 20.34
C SER F 12 19.89 -28.46 21.34
N ALA F 13 18.62 -28.02 21.33
CA ALA F 13 18.18 -27.01 22.29
C ALA F 13 16.77 -27.29 22.79
N SER F 14 16.51 -26.86 24.01
CA SER F 14 15.22 -27.05 24.65
C SER F 14 14.21 -26.06 24.08
N VAL F 15 12.92 -26.38 24.19
CA VAL F 15 11.85 -25.46 23.77
C VAL F 15 11.94 -24.18 24.62
N GLY F 16 11.95 -23.04 23.97
CA GLY F 16 12.09 -21.77 24.67
C GLY F 16 13.49 -21.17 24.58
N ASP F 17 14.49 -21.97 24.19
CA ASP F 17 15.86 -21.49 24.07
C ASP F 17 16.04 -20.59 22.85
N ARG F 18 17.03 -19.69 22.92
CA ARG F 18 17.41 -18.84 21.81
C ARG F 18 18.54 -19.59 21.10
N VAL F 19 18.33 -19.88 19.82
CA VAL F 19 19.29 -20.63 19.01
C VAL F 19 19.93 -19.70 17.98
N THR F 20 21.24 -19.84 17.75
CA THR F 20 21.94 -19.01 16.79
C THR F 20 22.79 -19.84 15.85
N ILE F 21 22.63 -19.62 14.55
CA ILE F 21 23.40 -20.30 13.54
C ILE F 21 24.16 -19.26 12.75
N THR F 22 25.47 -19.45 12.54
CA THR F 22 26.24 -18.48 11.76
C THR F 22 26.58 -19.02 10.37
N CYS F 23 26.83 -18.12 9.44
CA CYS F 23 27.21 -18.44 8.07
C CYS F 23 28.30 -17.47 7.70
N ARG F 24 29.47 -17.96 7.35
CA ARG F 24 30.59 -17.11 6.98
C ARG F 24 30.97 -17.34 5.54
N ALA F 25 31.05 -16.27 4.76
CA ALA F 25 31.41 -16.36 3.35
C ALA F 25 32.89 -16.03 3.20
N ASP F 26 33.61 -16.71 2.28
CA ASP F 26 35.05 -16.42 2.13
C ASP F 26 35.33 -15.07 1.44
N GLU F 27 34.34 -14.52 0.71
CA GLU F 27 34.40 -13.19 0.11
C GLU F 27 33.06 -12.50 0.39
N SER F 28 33.00 -11.16 0.32
CA SER F 28 31.78 -10.43 0.62
C SER F 28 30.65 -10.71 -0.35
N VAL F 29 29.45 -10.95 0.18
CA VAL F 29 28.24 -11.09 -0.64
C VAL F 29 27.27 -9.87 -0.45
N ARG F 30 27.72 -8.84 0.29
CA ARG F 30 27.00 -7.65 0.69
C ARG F 30 25.67 -8.08 1.36
N THR F 31 24.50 -7.86 0.75
CA THR F 31 23.24 -8.29 1.35
C THR F 31 22.58 -9.42 0.63
N LEU F 32 23.25 -10.08 -0.33
CA LEU F 32 22.63 -11.17 -1.09
C LEU F 32 22.82 -12.52 -0.41
N MET F 33 22.37 -12.58 0.84
CA MET F 33 22.42 -13.75 1.69
C MET F 33 21.00 -14.12 2.11
N HIS F 34 20.62 -15.40 1.98
CA HIS F 34 19.25 -15.86 2.25
C HIS F 34 19.29 -17.13 3.09
N TRP F 35 18.20 -17.43 3.82
CA TRP F 35 18.13 -18.64 4.65
C TRP F 35 16.92 -19.46 4.28
N TYR F 36 17.07 -20.77 4.33
CA TYR F 36 16.03 -21.75 4.02
C TYR F 36 15.88 -22.74 5.13
N GLN F 37 14.66 -23.24 5.33
CA GLN F 37 14.39 -24.27 6.34
C GLN F 37 13.94 -25.52 5.61
N GLN F 38 14.58 -26.66 5.87
CA GLN F 38 14.19 -27.91 5.23
C GLN F 38 13.83 -28.94 6.27
N LYS F 39 12.55 -29.34 6.29
CA LYS F 39 12.05 -30.36 7.21
C LYS F 39 12.24 -31.74 6.59
N PRO F 40 12.49 -32.78 7.41
CA PRO F 40 12.74 -34.12 6.84
C PRO F 40 11.73 -34.60 5.82
N GLY F 41 12.25 -35.07 4.69
CA GLY F 41 11.43 -35.57 3.59
C GLY F 41 10.56 -34.52 2.93
N LYS F 42 10.97 -33.26 3.01
CA LYS F 42 10.25 -32.15 2.41
C LYS F 42 11.21 -31.24 1.65
N ALA F 43 10.69 -30.45 0.72
CA ALA F 43 11.51 -29.50 -0.02
C ALA F 43 11.89 -28.35 0.89
N PRO F 44 13.01 -27.65 0.61
CA PRO F 44 13.33 -26.47 1.42
C PRO F 44 12.28 -25.38 1.25
N LYS F 45 12.12 -24.56 2.27
CA LYS F 45 11.19 -23.44 2.30
C LYS F 45 12.02 -22.15 2.55
N LEU F 46 11.72 -21.05 1.86
CA LEU F 46 12.47 -19.80 2.09
C LEU F 46 12.05 -19.21 3.45
N LEU F 47 13.01 -18.87 4.31
CA LEU F 47 12.72 -18.28 5.61
C LEU F 47 12.98 -16.78 5.53
N ILE F 48 14.22 -16.41 5.18
CA ILE F 48 14.71 -15.05 5.19
C ILE F 48 15.33 -14.74 3.84
N TYR F 49 15.11 -13.54 3.30
CA TYR F 49 15.77 -13.12 2.08
C TYR F 49 16.46 -11.81 2.32
N LEU F 50 17.55 -11.57 1.59
CA LEU F 50 18.31 -10.32 1.72
C LEU F 50 18.64 -9.94 3.16
N VAL F 51 19.33 -10.87 3.83
CA VAL F 51 19.88 -10.78 5.18
C VAL F 51 18.83 -10.84 6.29
N SER F 52 17.81 -9.98 6.27
CA SER F 52 16.93 -9.85 7.41
C SER F 52 15.46 -9.90 7.16
N ASN F 53 15.02 -10.01 5.91
CA ASN F 53 13.59 -9.97 5.61
C ASN F 53 12.90 -11.30 5.67
N SER F 54 11.91 -11.46 6.54
CA SER F 54 11.16 -12.71 6.63
C SER F 54 10.11 -12.73 5.54
N GLU F 55 9.85 -13.90 4.91
CA GLU F 55 8.74 -13.93 3.93
C GLU F 55 7.40 -14.00 4.70
N ILE F 56 6.29 -13.51 4.12
CA ILE F 56 4.98 -13.59 4.81
C ILE F 56 4.63 -15.03 5.23
N GLY F 57 4.24 -15.19 6.49
CA GLY F 57 3.93 -16.50 7.02
C GLY F 57 5.02 -17.07 7.90
N VAL F 58 6.23 -16.51 7.85
CA VAL F 58 7.33 -16.99 8.70
C VAL F 58 7.14 -16.40 10.10
N PRO F 59 7.14 -17.24 11.14
CA PRO F 59 6.93 -16.72 12.51
C PRO F 59 7.93 -15.66 12.94
N ASP F 60 7.50 -14.76 13.84
CA ASP F 60 8.32 -13.65 14.36
C ASP F 60 9.60 -14.10 15.05
N ARG F 61 9.61 -15.33 15.56
CA ARG F 61 10.76 -15.83 16.28
C ARG F 61 11.99 -16.01 15.39
N PHE F 62 11.84 -16.00 14.05
CA PHE F 62 12.96 -16.14 13.16
C PHE F 62 13.41 -14.79 12.70
N SER F 63 14.71 -14.49 12.86
CA SER F 63 15.26 -13.23 12.37
C SER F 63 16.66 -13.46 11.82
N GLY F 64 17.03 -12.69 10.82
CA GLY F 64 18.34 -12.79 10.20
C GLY F 64 19.10 -11.50 10.37
N SER F 65 20.42 -11.61 10.49
CA SER F 65 21.29 -10.44 10.62
C SER F 65 22.63 -10.68 9.91
N GLY F 66 23.37 -9.62 9.64
CA GLY F 66 24.67 -9.76 9.01
C GLY F 66 25.12 -8.74 7.99
N SER F 67 26.33 -8.96 7.50
CA SER F 67 26.94 -8.04 6.55
C SER F 67 28.15 -8.63 5.92
N GLY F 68 28.31 -8.42 4.62
CA GLY F 68 29.50 -8.79 3.89
C GLY F 68 29.89 -10.25 3.97
N THR F 69 30.65 -10.64 5.01
CA THR F 69 31.10 -12.01 5.16
C THR F 69 30.55 -12.76 6.38
N ASP F 70 29.92 -12.08 7.36
CA ASP F 70 29.41 -12.77 8.57
C ASP F 70 27.90 -12.59 8.68
N PHE F 71 27.15 -13.69 8.72
CA PHE F 71 25.67 -13.68 8.80
C PHE F 71 25.17 -14.61 9.91
N ARG F 72 23.98 -14.35 10.44
CA ARG F 72 23.44 -15.10 11.57
C ARG F 72 21.95 -15.27 11.44
N LEU F 73 21.44 -16.47 11.69
CA LEU F 73 20.00 -16.71 11.74
C LEU F 73 19.70 -17.00 13.21
N THR F 74 18.73 -16.31 13.80
CA THR F 74 18.37 -16.52 15.20
C THR F 74 16.93 -16.97 15.36
N ILE F 75 16.71 -17.98 16.18
CA ILE F 75 15.37 -18.42 16.54
C ILE F 75 15.26 -18.01 18.00
N SER F 76 14.47 -16.98 18.31
CA SER F 76 14.38 -16.40 19.64
C SER F 76 13.77 -17.29 20.72
N SER F 77 12.86 -18.19 20.34
CA SER F 77 12.23 -19.07 21.31
C SER F 77 11.88 -20.35 20.60
N LEU F 78 12.82 -21.30 20.59
CA LEU F 78 12.67 -22.55 19.87
C LEU F 78 11.36 -23.27 20.16
N GLN F 79 10.69 -23.73 19.11
CA GLN F 79 9.44 -24.47 19.22
C GLN F 79 9.65 -25.89 18.69
N PRO F 80 8.83 -26.86 19.12
CA PRO F 80 9.01 -28.24 18.66
C PRO F 80 9.05 -28.40 17.14
N GLU F 81 8.20 -27.64 16.43
CA GLU F 81 8.14 -27.68 14.98
C GLU F 81 9.37 -27.11 14.29
N ASP F 82 10.27 -26.44 15.02
CA ASP F 82 11.48 -25.88 14.42
C ASP F 82 12.55 -26.92 14.12
N PHE F 83 12.28 -28.22 14.38
CA PHE F 83 13.18 -29.32 14.05
C PHE F 83 13.32 -29.33 12.53
N ALA F 84 14.52 -29.10 12.03
CA ALA F 84 14.77 -28.98 10.60
C ALA F 84 16.28 -28.73 10.32
N THR F 85 16.71 -28.75 9.05
CA THR F 85 18.07 -28.38 8.69
C THR F 85 17.96 -26.99 8.06
N TYR F 86 18.78 -26.05 8.49
CA TYR F 86 18.74 -24.68 7.98
C TYR F 86 19.92 -24.46 7.08
N TYR F 87 19.69 -23.87 5.90
CA TYR F 87 20.78 -23.59 4.96
C TYR F 87 20.87 -22.12 4.64
N CYS F 88 22.08 -21.58 4.55
CA CYS F 88 22.28 -20.22 4.07
C CYS F 88 22.63 -20.33 2.57
N GLN F 89 22.41 -19.27 1.81
CA GLN F 89 22.68 -19.28 0.38
C GLN F 89 23.08 -17.90 -0.06
N GLN F 90 24.12 -17.80 -0.88
CA GLN F 90 24.50 -16.50 -1.43
C GLN F 90 24.14 -16.45 -2.90
N THR F 91 23.59 -15.31 -3.34
CA THR F 91 23.27 -15.10 -4.76
C THR F 91 24.08 -13.94 -5.34
N TRP F 92 25.09 -13.44 -4.61
CA TRP F 92 25.93 -12.34 -5.03
C TRP F 92 26.71 -12.64 -6.31
N SER F 93 27.28 -13.85 -6.41
CA SER F 93 28.07 -14.19 -7.58
C SER F 93 27.88 -15.61 -8.04
N ASP F 94 28.09 -15.85 -9.33
CA ASP F 94 27.97 -17.15 -9.94
C ASP F 94 29.20 -17.99 -9.63
N PRO F 95 29.04 -19.26 -9.27
CA PRO F 95 27.76 -19.97 -9.08
C PRO F 95 27.15 -19.72 -7.71
N TRP F 96 25.81 -19.77 -7.62
CA TRP F 96 25.15 -19.58 -6.33
C TRP F 96 25.47 -20.77 -5.46
N THR F 97 25.90 -20.50 -4.23
CA THR F 97 26.31 -21.56 -3.33
C THR F 97 25.49 -21.59 -2.05
N PHE F 98 25.47 -22.74 -1.41
CA PHE F 98 24.76 -22.92 -0.13
C PHE F 98 25.75 -23.32 0.95
N GLY F 99 25.40 -23.06 2.20
CA GLY F 99 26.15 -23.58 3.32
C GLY F 99 25.88 -25.08 3.44
N GLN F 100 26.68 -25.80 4.23
CA GLN F 100 26.53 -27.25 4.39
C GLN F 100 25.25 -27.68 5.17
N GLY F 101 24.61 -26.73 5.83
CA GLY F 101 23.41 -26.95 6.61
C GLY F 101 23.71 -27.07 8.09
N THR F 102 22.70 -26.75 8.91
CA THR F 102 22.77 -26.90 10.35
C THR F 102 21.55 -27.66 10.78
N LYS F 103 21.72 -28.86 11.36
CA LYS F 103 20.60 -29.66 11.82
C LYS F 103 20.22 -29.19 13.23
N VAL F 104 18.95 -28.88 13.44
CA VAL F 104 18.49 -28.41 14.75
C VAL F 104 17.60 -29.48 15.36
N GLU F 105 17.99 -30.01 16.51
CA GLU F 105 17.24 -31.04 17.23
C GLU F 105 16.70 -30.45 18.53
N ILE F 106 15.60 -31.02 19.03
CA ILE F 106 14.99 -30.54 20.27
C ILE F 106 15.38 -31.42 21.45
N LYS F 107 15.79 -30.78 22.55
CA LYS F 107 16.08 -31.42 23.82
C LYS F 107 14.75 -31.41 24.56
N ARG F 108 14.41 -32.54 25.12
CA ARG F 108 13.12 -32.81 25.73
C ARG F 108 13.28 -33.63 27.00
N THR F 109 12.20 -33.78 27.77
CA THR F 109 12.21 -34.64 28.96
C THR F 109 12.26 -36.12 28.52
N VAL F 110 12.75 -36.98 29.41
CA VAL F 110 12.86 -38.41 29.09
C VAL F 110 11.48 -39.07 28.97
N ALA F 111 11.28 -39.86 27.88
CA ALA F 111 10.04 -40.58 27.64
C ALA F 111 10.38 -42.02 27.32
N ALA F 112 9.82 -42.98 28.07
CA ALA F 112 10.11 -44.41 27.86
C ALA F 112 9.42 -44.92 26.61
N PRO F 113 10.06 -45.85 25.89
CA PRO F 113 9.41 -46.41 24.69
C PRO F 113 8.32 -47.43 25.06
N SER F 114 7.31 -47.53 24.23
CA SER F 114 6.30 -48.58 24.38
C SER F 114 6.79 -49.67 23.43
N VAL F 115 7.01 -50.87 23.94
CA VAL F 115 7.58 -51.95 23.14
C VAL F 115 6.53 -52.94 22.64
N PHE F 116 6.59 -53.28 21.35
CA PHE F 116 5.69 -54.23 20.73
C PHE F 116 6.48 -55.23 19.91
N ILE F 117 6.07 -56.51 19.91
CA ILE F 117 6.75 -57.52 19.09
C ILE F 117 5.77 -58.09 18.06
N PHE F 118 6.26 -58.40 16.86
CA PHE F 118 5.42 -58.93 15.81
C PHE F 118 6.05 -60.15 15.22
N PRO F 119 5.33 -61.27 15.24
CA PRO F 119 5.87 -62.47 14.61
C PRO F 119 5.78 -62.37 13.09
N PRO F 120 6.59 -63.15 12.37
CA PRO F 120 6.48 -63.15 10.90
C PRO F 120 5.15 -63.72 10.46
N SER F 121 4.60 -63.19 9.38
CA SER F 121 3.33 -63.67 8.85
C SER F 121 3.51 -65.05 8.23
N ASP F 122 2.43 -65.86 8.19
CA ASP F 122 2.49 -67.17 7.54
C ASP F 122 2.73 -67.01 6.03
N GLU F 123 2.25 -65.91 5.44
CA GLU F 123 2.44 -65.57 4.03
C GLU F 123 3.92 -65.39 3.72
N GLN F 124 4.67 -64.72 4.62
CA GLN F 124 6.10 -64.53 4.41
C GLN F 124 6.84 -65.85 4.56
N LEU F 125 6.46 -66.64 5.57
CA LEU F 125 7.08 -67.92 5.82
C LEU F 125 6.98 -68.87 4.63
N LYS F 126 5.92 -68.74 3.83
CA LYS F 126 5.72 -69.51 2.61
C LYS F 126 6.80 -69.22 1.56
N SER F 127 7.42 -68.02 1.62
CA SER F 127 8.48 -67.62 0.70
C SER F 127 9.91 -68.00 1.14
N GLY F 128 10.06 -68.55 2.35
CA GLY F 128 11.35 -69.02 2.82
C GLY F 128 12.15 -68.14 3.76
N THR F 129 11.58 -67.01 4.18
CA THR F 129 12.28 -66.11 5.11
C THR F 129 11.37 -65.71 6.26
N ALA F 130 11.94 -65.42 7.42
CA ALA F 130 11.17 -64.97 8.58
C ALA F 130 11.72 -63.64 9.07
N SER F 131 10.84 -62.64 9.19
CA SER F 131 11.25 -61.34 9.69
C SER F 131 10.48 -61.08 10.97
N VAL F 132 11.20 -60.89 12.07
CA VAL F 132 10.59 -60.64 13.36
C VAL F 132 10.82 -59.17 13.67
N VAL F 133 9.76 -58.39 13.93
CA VAL F 133 9.90 -56.96 14.17
C VAL F 133 9.62 -56.53 15.62
N CYS F 134 10.52 -55.71 16.17
CA CYS F 134 10.37 -55.16 17.51
C CYS F 134 10.20 -53.64 17.30
N LEU F 135 9.16 -53.05 17.88
CA LEU F 135 8.86 -51.63 17.74
C LEU F 135 9.04 -50.93 19.09
N LEU F 136 9.77 -49.82 19.09
CA LEU F 136 9.99 -48.97 20.26
C LEU F 136 9.30 -47.70 19.88
N ASN F 137 8.19 -47.37 20.53
CA ASN F 137 7.38 -46.24 20.14
C ASN F 137 7.42 -45.03 21.03
N ASN F 138 7.54 -43.85 20.41
CA ASN F 138 7.48 -42.54 21.02
C ASN F 138 8.36 -42.38 22.26
N PHE F 139 9.68 -42.44 22.09
CA PHE F 139 10.61 -42.31 23.20
C PHE F 139 11.61 -41.17 23.04
N TYR F 140 12.28 -40.79 24.13
CA TYR F 140 13.31 -39.75 24.12
C TYR F 140 14.24 -40.02 25.32
N PRO F 141 15.58 -39.98 25.17
CA PRO F 141 16.37 -39.66 23.97
C PRO F 141 16.40 -40.76 22.92
N ARG F 142 17.06 -40.50 21.78
CA ARG F 142 17.17 -41.44 20.68
C ARG F 142 17.99 -42.70 21.03
N GLU F 143 18.95 -42.56 21.97
CA GLU F 143 19.78 -43.69 22.36
C GLU F 143 19.00 -44.79 23.09
N ALA F 144 18.93 -45.97 22.48
CA ALA F 144 18.25 -47.14 23.01
C ALA F 144 18.99 -48.39 22.59
N LYS F 145 18.89 -49.44 23.39
CA LYS F 145 19.56 -50.69 23.09
C LYS F 145 18.54 -51.78 22.89
N VAL F 146 18.58 -52.47 21.74
CA VAL F 146 17.67 -53.59 21.48
C VAL F 146 18.49 -54.85 21.32
N GLN F 147 18.21 -55.88 22.10
CA GLN F 147 18.92 -57.15 21.98
C GLN F 147 17.93 -58.25 21.67
N TRP F 148 18.20 -59.03 20.61
CA TRP F 148 17.34 -60.13 20.24
C TRP F 148 17.83 -61.40 20.91
N LYS F 149 16.91 -62.19 21.48
CA LYS F 149 17.25 -63.46 22.12
C LYS F 149 16.35 -64.58 21.57
N VAL F 150 16.94 -65.65 21.04
CA VAL F 150 16.17 -66.77 20.50
C VAL F 150 16.43 -67.99 21.38
N ASP F 151 15.41 -68.41 22.14
CA ASP F 151 15.55 -69.46 23.15
C ASP F 151 16.64 -69.09 24.17
N ASN F 152 16.70 -67.78 24.50
CA ASN F 152 17.64 -67.14 25.42
C ASN F 152 19.05 -66.91 24.84
N ALA F 153 19.33 -67.37 23.61
CA ALA F 153 20.64 -67.14 23.01
C ALA F 153 20.69 -65.74 22.39
N LEU F 154 21.65 -64.90 22.83
CA LEU F 154 21.80 -63.54 22.33
C LEU F 154 22.24 -63.56 20.87
N GLN F 155 21.49 -62.87 19.99
CA GLN F 155 21.77 -62.78 18.57
C GLN F 155 22.71 -61.61 18.24
N SER F 156 23.45 -61.74 17.14
CA SER F 156 24.33 -60.68 16.68
C SER F 156 24.54 -60.79 15.17
N GLY F 157 24.49 -59.65 14.49
CA GLY F 157 24.72 -59.60 13.05
C GLY F 157 23.59 -60.06 12.17
N ASN F 158 22.40 -60.29 12.73
CA ASN F 158 21.25 -60.73 11.95
C ASN F 158 20.02 -59.81 12.10
N SER F 159 20.25 -58.56 12.53
CA SER F 159 19.16 -57.59 12.69
C SER F 159 19.56 -56.21 12.17
N GLN F 160 18.55 -55.39 11.79
CA GLN F 160 18.76 -54.03 11.30
C GLN F 160 17.82 -53.06 11.99
N GLU F 161 18.34 -51.90 12.36
CA GLU F 161 17.54 -50.87 13.03
C GLU F 161 17.18 -49.75 12.08
N SER F 162 16.05 -49.10 12.34
CA SER F 162 15.60 -47.96 11.56
C SER F 162 14.96 -46.98 12.53
N VAL F 163 15.32 -45.70 12.46
CA VAL F 163 14.81 -44.70 13.40
C VAL F 163 14.06 -43.63 12.68
N THR F 164 12.88 -43.19 13.18
CA THR F 164 12.16 -42.09 12.55
C THR F 164 12.86 -40.76 12.87
N GLU F 165 12.58 -39.72 12.08
CA GLU F 165 13.07 -38.39 12.41
C GLU F 165 12.22 -37.89 13.60
N GLN F 166 12.79 -36.99 14.39
CA GLN F 166 12.13 -36.42 15.57
C GLN F 166 10.74 -35.86 15.25
N ASP F 167 9.73 -36.24 16.02
CA ASP F 167 8.36 -35.78 15.79
C ASP F 167 8.27 -34.26 15.93
N SER F 168 7.58 -33.59 14.99
CA SER F 168 7.44 -32.14 15.03
C SER F 168 6.46 -31.62 16.09
N LYS F 169 5.82 -32.51 16.86
CA LYS F 169 4.89 -32.12 17.90
C LYS F 169 5.44 -32.48 19.30
N ASP F 170 5.70 -33.78 19.56
CA ASP F 170 6.17 -34.18 20.88
C ASP F 170 7.68 -34.44 20.95
N SER F 171 8.43 -34.24 19.87
CA SER F 171 9.88 -34.35 19.82
C SER F 171 10.43 -35.73 20.15
N THR F 172 9.62 -36.78 19.97
CA THR F 172 10.05 -38.14 20.26
C THR F 172 10.58 -38.86 19.01
N TYR F 173 11.19 -40.03 19.20
CA TYR F 173 11.65 -40.91 18.16
C TYR F 173 10.88 -42.22 18.26
N SER F 174 10.90 -43.01 17.21
CA SER F 174 10.40 -44.37 17.22
C SER F 174 11.45 -45.22 16.47
N LEU F 175 11.59 -46.48 16.84
CA LEU F 175 12.62 -47.35 16.28
C LEU F 175 12.07 -48.72 15.97
N SER F 176 12.51 -49.30 14.86
CA SER F 176 12.13 -50.66 14.51
C SER F 176 13.40 -51.48 14.40
N SER F 177 13.43 -52.64 15.06
CA SER F 177 14.55 -53.56 14.97
C SER F 177 13.99 -54.80 14.28
N THR F 178 14.62 -55.26 13.19
CA THR F 178 14.10 -56.41 12.46
C THR F 178 15.10 -57.56 12.40
N LEU F 179 14.74 -58.68 13.01
CA LEU F 179 15.54 -59.91 13.03
C LEU F 179 15.18 -60.77 11.84
N THR F 180 16.14 -60.99 10.93
CA THR F 180 15.87 -61.77 9.72
C THR F 180 16.56 -63.12 9.77
N LEU F 181 15.78 -64.19 9.70
CA LEU F 181 16.26 -65.58 9.73
C LEU F 181 15.69 -66.33 8.55
N SER F 182 16.32 -67.46 8.19
CA SER F 182 15.76 -68.31 7.15
C SER F 182 14.57 -69.05 7.77
N LYS F 183 13.62 -69.54 6.96
CA LYS F 183 12.45 -70.27 7.46
C LYS F 183 12.90 -71.49 8.26
N ALA F 184 13.95 -72.19 7.77
CA ALA F 184 14.52 -73.36 8.42
C ALA F 184 15.07 -73.00 9.81
N ASP F 185 15.83 -71.88 9.93
CA ASP F 185 16.34 -71.45 11.22
C ASP F 185 15.22 -71.01 12.14
N TYR F 186 14.19 -70.36 11.60
CA TYR F 186 13.04 -69.93 12.39
C TYR F 186 12.32 -71.13 13.00
N GLU F 187 12.11 -72.20 12.22
CA GLU F 187 11.39 -73.38 12.73
C GLU F 187 12.17 -74.20 13.75
N LYS F 188 13.45 -73.95 13.94
CA LYS F 188 14.26 -74.69 14.89
C LYS F 188 14.04 -74.26 16.35
N HIS F 189 13.44 -73.09 16.58
CA HIS F 189 13.33 -72.55 17.94
C HIS F 189 11.93 -72.21 18.37
N LYS F 190 11.73 -72.01 19.68
CA LYS F 190 10.41 -71.68 20.21
C LYS F 190 10.26 -70.22 20.65
N VAL F 191 11.11 -69.73 21.55
CA VAL F 191 10.98 -68.38 22.09
C VAL F 191 11.73 -67.29 21.31
N TYR F 192 11.00 -66.26 20.87
CA TYR F 192 11.60 -65.12 20.16
C TYR F 192 11.37 -63.90 21.01
N ALA F 193 12.45 -63.26 21.49
CA ALA F 193 12.29 -62.12 22.39
C ALA F 193 13.15 -60.89 22.03
N CYS F 194 12.67 -59.67 22.38
CA CYS F 194 13.48 -58.48 22.21
C CYS F 194 13.56 -57.69 23.52
N GLU F 195 14.78 -57.53 24.01
CA GLU F 195 15.06 -56.87 25.27
C GLU F 195 15.48 -55.44 25.02
N VAL F 196 14.68 -54.50 25.51
CA VAL F 196 14.90 -53.08 25.32
C VAL F 196 15.45 -52.39 26.56
N THR F 197 16.57 -51.69 26.39
CA THR F 197 17.25 -50.93 27.45
C THR F 197 17.21 -49.46 27.07
N HIS F 198 16.62 -48.63 27.92
CA HIS F 198 16.49 -47.20 27.64
C HIS F 198 16.51 -46.41 28.94
N GLN F 199 16.97 -45.14 28.87
CA GLN F 199 17.05 -44.22 30.02
C GLN F 199 15.73 -44.11 30.79
N GLY F 200 14.61 -44.19 30.07
CA GLY F 200 13.28 -44.08 30.67
C GLY F 200 12.74 -45.35 31.29
N LEU F 201 13.47 -46.46 31.19
CA LEU F 201 13.03 -47.72 31.76
C LEU F 201 13.81 -48.04 33.03
N SER F 202 13.09 -48.33 34.14
CA SER F 202 13.69 -48.70 35.42
C SER F 202 14.46 -50.01 35.29
N SER F 203 13.91 -50.95 34.52
CA SER F 203 14.50 -52.24 34.20
C SER F 203 14.19 -52.53 32.74
N PRO F 204 15.07 -53.28 32.05
CA PRO F 204 14.81 -53.58 30.63
C PRO F 204 13.50 -54.31 30.39
N VAL F 205 12.83 -53.99 29.29
CA VAL F 205 11.54 -54.58 28.95
C VAL F 205 11.73 -55.67 27.92
N THR F 206 11.12 -56.83 28.13
CA THR F 206 11.22 -57.91 27.17
C THR F 206 9.84 -58.25 26.65
N LYS F 207 9.69 -58.21 25.33
CA LYS F 207 8.45 -58.63 24.71
C LYS F 207 8.80 -59.88 23.92
N SER F 208 8.01 -60.94 24.09
CA SER F 208 8.30 -62.21 23.45
C SER F 208 7.07 -62.97 23.00
N PHE F 209 7.29 -63.95 22.12
CA PHE F 209 6.24 -64.83 21.68
C PHE F 209 6.80 -66.24 21.50
N ASN F 210 5.91 -67.24 21.53
CA ASN F 210 6.28 -68.62 21.28
C ASN F 210 5.81 -68.93 19.88
N ARG F 211 6.72 -69.42 19.04
CA ARG F 211 6.41 -69.74 17.65
C ARG F 211 5.21 -70.69 17.50
N GLY F 212 4.21 -70.27 16.74
CA GLY F 212 3.02 -71.06 16.51
C GLY F 212 2.13 -71.17 17.73
N GLU F 213 1.71 -70.03 18.28
CA GLU F 213 0.83 -70.01 19.43
C GLU F 213 -0.20 -68.89 19.34
#